data_5FU8
#
_entry.id   5FU8
#
_cell.length_a   64.180
_cell.length_b   154.480
_cell.length_c   134.750
_cell.angle_alpha   90.00
_cell.angle_beta   92.34
_cell.angle_gamma   90.00
#
_symmetry.space_group_name_H-M   'C 1 2 1'
#
loop_
_entity.id
_entity.type
_entity.pdbx_description
1 polymer 'GLUCOSE-1-PHOSPHATE THYMIDYLYLTRANSFERASE'
2 non-polymer N-(6-amino-1-(4-bromo-3-methylbenzyl)-2,4-dioxo-1,2,3,4-tetrahydropyrimidin-5-yl)-N-methylbenzenesulfonamide
3 non-polymer '2-(N-MORPHOLINO)-ETHANESULFONIC ACID'
4 non-polymer 'CHLORIDE ION'
5 water water
#
_entity_poly.entity_id   1
_entity_poly.type   'polypeptide(L)'
_entity_poly.pdbx_seq_one_letter_code
;HHHHHHGSMAMKRKGIILAGGSGTRLHPATLAISKQLLPVYDKPMIYYPLSTLMLAGIREILIISTPQDTPRFQQLLGDG
SNWGLDLQYAVQPSPDGLAQAFLIGESFIGNDLSALVLGDNLYYGHDFHELLGSASQRQTGASVFAYHVLDPERYGVVEF
DQGGKAISLEEKPLEPKSNYAVTGLYFYDQQVVDIARDLKPSPRGELEITDVNRAYLERGQLSVEIMGRGYAWLDTGTHD
SLLEAGQFIATLENRQGLKVACPEEIAYRQKWIDAAQLEKLAAPLAKNGYGQYLKRLLTETVY
;
_entity_poly.pdbx_strand_id   A,B,C,D
#
loop_
_chem_comp.id
_chem_comp.type
_chem_comp.name
_chem_comp.formula
CL non-polymer 'CHLORIDE ION' 'Cl -1'
DH5 non-polymer N-(6-amino-1-(4-bromo-3-methylbenzyl)-2,4-dioxo-1,2,3,4-tetrahydropyrimidin-5-yl)-N-methylbenzenesulfonamide 'C19 H19 Br N4 O4 S'
MES non-polymer '2-(N-MORPHOLINO)-ETHANESULFONIC ACID' 'C6 H13 N O4 S'
#
# COMPACT_ATOMS: atom_id res chain seq x y z
N HIS A 3 -25.71 3.51 -27.01
CA HIS A 3 -26.62 4.47 -26.28
C HIS A 3 -26.22 4.66 -24.83
N HIS A 4 -25.69 5.83 -24.50
CA HIS A 4 -25.47 6.25 -23.12
C HIS A 4 -26.65 7.11 -22.67
N HIS A 5 -26.72 7.35 -21.37
CA HIS A 5 -27.86 8.04 -20.76
C HIS A 5 -27.45 9.10 -19.73
N HIS A 6 -27.70 10.38 -20.08
CA HIS A 6 -27.92 11.55 -19.19
C HIS A 6 -27.55 12.90 -19.85
N MET A 11 -22.47 17.23 -11.90
CA MET A 11 -21.44 16.30 -12.34
C MET A 11 -20.19 16.42 -11.44
N LYS A 12 -19.59 15.27 -11.12
CA LYS A 12 -18.62 15.13 -10.02
C LYS A 12 -17.18 14.91 -10.50
N ARG A 13 -16.26 15.31 -9.63
CA ARG A 13 -14.86 15.53 -9.98
C ARG A 13 -13.96 14.60 -9.19
N LYS A 14 -13.07 13.91 -9.89
CA LYS A 14 -12.07 13.04 -9.28
C LYS A 14 -10.71 13.75 -9.15
N GLY A 15 -9.94 13.42 -8.12
CA GLY A 15 -8.66 14.06 -7.83
C GLY A 15 -7.49 13.15 -8.10
N ILE A 16 -6.39 13.70 -8.59
CA ILE A 16 -5.14 12.97 -8.70
C ILE A 16 -4.07 13.77 -7.99
N ILE A 17 -3.28 13.09 -7.15
CA ILE A 17 -2.07 13.69 -6.61
C ILE A 17 -0.86 13.01 -7.25
N LEU A 18 -0.03 13.79 -7.91
CA LEU A 18 1.22 13.25 -8.43
C LEU A 18 2.30 13.41 -7.36
N ALA A 19 2.66 12.28 -6.74
CA ALA A 19 3.68 12.21 -5.70
C ALA A 19 4.79 11.23 -6.11
N GLY A 20 5.36 11.45 -7.31
CA GLY A 20 6.35 10.56 -7.90
C GLY A 20 7.81 10.87 -7.58
N GLY A 21 8.69 10.44 -8.47
CA GLY A 21 10.11 10.70 -8.32
C GLY A 21 10.38 12.18 -8.53
N SER A 22 10.99 12.86 -7.54
CA SER A 22 11.68 14.15 -7.81
C SER A 22 13.11 13.93 -8.37
N GLY A 23 13.33 12.81 -9.06
CA GLY A 23 14.65 12.40 -9.50
C GLY A 23 15.73 12.48 -8.42
N THR A 24 16.93 12.93 -8.83
CA THR A 24 18.05 13.03 -7.92
C THR A 24 18.32 14.47 -7.51
N ARG A 25 17.45 15.41 -7.86
CA ARG A 25 17.76 16.81 -7.62
C ARG A 25 18.01 17.18 -6.14
N LEU A 26 17.28 16.55 -5.21
CA LEU A 26 17.41 16.79 -3.76
C LEU A 26 18.16 15.67 -3.01
N HIS A 27 18.75 14.73 -3.75
CA HIS A 27 19.74 13.80 -3.20
C HIS A 27 20.91 14.55 -2.56
N PRO A 28 21.41 14.07 -1.41
CA PRO A 28 21.08 12.76 -0.82
C PRO A 28 19.91 12.73 0.18
N ALA A 29 19.39 13.89 0.61
CA ALA A 29 18.20 14.00 1.48
C ALA A 29 17.05 13.06 1.11
N THR A 30 16.73 12.98 -0.17
CA THR A 30 15.68 12.13 -0.69
C THR A 30 16.09 10.71 -1.16
N LEU A 31 17.30 10.27 -0.84
CA LEU A 31 17.71 8.90 -1.17
C LEU A 31 16.93 7.82 -0.40
N ALA A 32 16.61 8.07 0.86
CA ALA A 32 15.94 7.05 1.68
C ALA A 32 14.41 7.04 1.48
N ILE A 33 13.85 8.16 1.01
CA ILE A 33 12.40 8.36 1.01
C ILE A 33 11.97 9.47 0.03
N SER A 34 10.76 9.32 -0.52
CA SER A 34 10.24 10.29 -1.48
C SER A 34 10.01 11.67 -0.85
N LYS A 35 10.27 12.69 -1.64
CA LYS A 35 10.07 14.08 -1.26
C LYS A 35 8.71 14.36 -0.62
N GLN A 36 7.66 13.73 -1.16
CA GLN A 36 6.31 14.04 -0.74
C GLN A 36 5.94 13.40 0.59
N LEU A 37 6.82 12.58 1.16
CA LEU A 37 6.71 12.13 2.54
C LEU A 37 7.61 12.85 3.52
N LEU A 38 8.44 13.81 3.07
CA LEU A 38 9.23 14.63 3.99
C LEU A 38 8.24 15.56 4.68
N PRO A 39 8.49 15.90 5.95
CA PRO A 39 7.55 16.81 6.59
C PRO A 39 7.76 18.27 6.20
N VAL A 40 6.67 19.02 6.16
CA VAL A 40 6.76 20.47 6.14
C VAL A 40 6.23 20.80 7.52
N TYR A 41 7.18 21.14 8.40
CA TYR A 41 6.92 21.37 9.81
C TYR A 41 6.38 20.12 10.47
N ASP A 42 5.12 20.06 10.84
CA ASP A 42 4.61 18.95 11.69
C ASP A 42 3.89 17.84 10.92
N LYS A 43 3.84 17.93 9.59
CA LYS A 43 3.08 16.95 8.87
C LYS A 43 3.71 16.65 7.55
N PRO A 44 3.48 15.41 7.04
CA PRO A 44 4.04 15.02 5.74
C PRO A 44 3.59 15.95 4.63
N MET A 45 4.49 16.23 3.69
CA MET A 45 4.22 17.17 2.60
C MET A 45 2.91 16.89 1.88
N ILE A 46 2.61 15.61 1.66
CA ILE A 46 1.44 15.25 0.89
C ILE A 46 0.14 15.62 1.60
N TYR A 47 0.15 15.80 2.92
CA TYR A 47 -1.04 16.33 3.65
C TYR A 47 -1.54 17.67 3.08
N TYR A 48 -0.63 18.49 2.57
CA TYR A 48 -1.00 19.83 2.04
C TYR A 48 -1.79 19.77 0.71
N PRO A 49 -1.23 19.11 -0.30
CA PRO A 49 -2.05 19.01 -1.52
C PRO A 49 -3.29 18.14 -1.33
N LEU A 50 -3.22 17.11 -0.49
CA LEU A 50 -4.39 16.32 -0.20
C LEU A 50 -5.50 17.23 0.36
N SER A 51 -5.14 18.03 1.36
CA SER A 51 -6.09 18.94 1.99
C SER A 51 -6.67 19.95 0.99
N THR A 52 -5.86 20.33 0.01
CA THR A 52 -6.26 21.18 -1.09
C THR A 52 -7.37 20.53 -1.91
N LEU A 53 -7.15 19.32 -2.37
CA LEU A 53 -8.24 18.59 -3.03
C LEU A 53 -9.49 18.45 -2.17
N MET A 54 -9.32 18.16 -0.88
CA MET A 54 -10.47 18.01 0.05
C MET A 54 -11.24 19.33 0.18
N LEU A 55 -10.50 20.44 0.17
CA LEU A 55 -11.08 21.76 0.25
C LEU A 55 -11.84 22.13 -1.03
N ALA A 56 -11.44 21.57 -2.15
CA ALA A 56 -12.22 21.66 -3.35
C ALA A 56 -13.43 20.71 -3.37
N GLY A 57 -13.70 19.95 -2.31
CA GLY A 57 -14.87 19.05 -2.29
C GLY A 57 -14.62 17.69 -2.92
N ILE A 58 -13.37 17.41 -3.34
CA ILE A 58 -13.03 16.15 -3.97
C ILE A 58 -12.77 15.07 -2.90
N ARG A 59 -13.43 13.93 -3.06
CA ARG A 59 -13.40 12.82 -2.09
C ARG A 59 -12.82 11.53 -2.62
N GLU A 60 -12.89 11.33 -3.94
CA GLU A 60 -12.29 10.19 -4.63
C GLU A 60 -10.98 10.64 -5.27
N ILE A 61 -9.88 10.10 -4.77
CA ILE A 61 -8.54 10.60 -5.07
C ILE A 61 -7.59 9.45 -5.37
N LEU A 62 -6.82 9.62 -6.43
CA LEU A 62 -5.79 8.67 -6.84
C LEU A 62 -4.42 9.27 -6.49
N ILE A 63 -3.63 8.54 -5.72
CA ILE A 63 -2.27 8.91 -5.37
C ILE A 63 -1.33 8.12 -6.25
N ILE A 64 -0.55 8.83 -7.07
CA ILE A 64 0.45 8.25 -7.95
C ILE A 64 1.85 8.46 -7.36
N SER A 65 2.52 7.35 -7.04
CA SER A 65 3.87 7.38 -6.52
C SER A 65 4.78 6.40 -7.26
N THR A 66 6.03 6.32 -6.83
CA THR A 66 6.99 5.32 -7.34
C THR A 66 6.59 3.96 -6.82
N PRO A 67 7.01 2.90 -7.53
CA PRO A 67 6.77 1.54 -7.01
C PRO A 67 7.31 1.35 -5.60
N GLN A 68 8.49 1.92 -5.32
CA GLN A 68 9.21 1.74 -4.04
C GLN A 68 8.40 2.31 -2.89
N ASP A 69 7.83 3.50 -3.09
CA ASP A 69 7.25 4.23 -1.96
C ASP A 69 5.75 4.11 -1.83
N THR A 70 5.07 3.42 -2.75
CA THR A 70 3.63 3.30 -2.68
C THR A 70 3.18 2.72 -1.32
N PRO A 71 3.86 1.68 -0.81
CA PRO A 71 3.53 1.16 0.51
C PRO A 71 3.63 2.14 1.67
N ARG A 72 4.58 3.08 1.58
CA ARG A 72 4.71 4.16 2.56
C ARG A 72 3.51 5.13 2.50
N PHE A 73 3.14 5.58 1.28
CA PHE A 73 1.93 6.39 1.13
C PHE A 73 0.69 5.63 1.63
N GLN A 74 0.57 4.34 1.30
CA GLN A 74 -0.57 3.50 1.77
C GLN A 74 -0.61 3.33 3.29
N GLN A 75 0.53 3.16 3.91
CA GLN A 75 0.65 3.07 5.36
C GLN A 75 0.26 4.42 6.02
N LEU A 76 0.69 5.53 5.42
CA LEU A 76 0.29 6.84 5.90
C LEU A 76 -1.23 7.10 5.79
N LEU A 77 -1.82 6.74 4.66
CA LEU A 77 -3.13 7.31 4.25
C LEU A 77 -4.29 6.32 4.15
N GLY A 78 -3.98 5.02 4.06
CA GLY A 78 -5.02 3.99 4.04
C GLY A 78 -5.90 4.12 2.81
N ASP A 79 -7.14 3.66 2.94
CA ASP A 79 -8.10 3.77 1.84
C ASP A 79 -8.92 5.08 1.88
N GLY A 80 -8.57 5.98 2.82
CA GLY A 80 -9.26 7.26 2.98
C GLY A 80 -10.48 7.23 3.89
N SER A 81 -10.99 6.04 4.20
CA SER A 81 -12.30 5.90 4.86
C SER A 81 -12.36 6.63 6.18
N ASN A 82 -11.25 6.64 6.93
CA ASN A 82 -11.22 7.36 8.21
C ASN A 82 -11.45 8.87 8.10
N TRP A 83 -11.17 9.45 6.93
CA TRP A 83 -11.35 10.88 6.71
C TRP A 83 -12.46 11.16 5.70
N GLY A 84 -13.33 10.17 5.44
CA GLY A 84 -14.46 10.35 4.55
C GLY A 84 -14.15 10.37 3.07
N LEU A 85 -12.99 9.85 2.70
CA LEU A 85 -12.50 9.82 1.31
C LEU A 85 -12.46 8.37 0.80
N ASP A 86 -12.27 8.23 -0.51
CA ASP A 86 -11.81 6.98 -1.05
C ASP A 86 -10.53 7.20 -1.82
N LEU A 87 -9.47 6.56 -1.34
CA LEU A 87 -8.15 6.77 -1.95
C LEU A 87 -7.76 5.50 -2.67
N GLN A 88 -7.32 5.63 -3.92
CA GLN A 88 -6.73 4.53 -4.66
C GLN A 88 -5.27 4.84 -4.99
N TYR A 89 -4.54 3.82 -5.43
CA TYR A 89 -3.10 3.95 -5.62
C TYR A 89 -2.68 3.45 -7.01
N ALA A 90 -1.77 4.17 -7.65
CA ALA A 90 -1.17 3.74 -8.89
C ALA A 90 0.29 4.07 -8.81
N VAL A 91 1.07 3.38 -9.62
CA VAL A 91 2.52 3.58 -9.63
C VAL A 91 2.92 4.26 -10.93
N GLN A 92 4.01 5.03 -10.84
CA GLN A 92 4.66 5.63 -12.00
C GLN A 92 6.11 5.09 -12.03
N PRO A 93 6.36 4.06 -12.85
CA PRO A 93 7.68 3.39 -12.84
C PRO A 93 8.84 4.32 -13.16
N SER A 94 8.58 5.28 -14.06
CA SER A 94 9.57 6.18 -14.60
C SER A 94 8.98 7.61 -14.65
N PRO A 95 9.72 8.62 -14.17
CA PRO A 95 9.16 9.98 -14.14
C PRO A 95 9.15 10.60 -15.54
N ASP A 96 8.14 10.24 -16.35
CA ASP A 96 8.06 10.62 -17.76
C ASP A 96 7.28 11.91 -18.02
N GLY A 97 6.94 12.68 -16.96
CA GLY A 97 6.21 13.94 -17.10
C GLY A 97 4.85 13.95 -16.39
N LEU A 98 4.38 15.16 -16.09
CA LEU A 98 3.16 15.37 -15.31
C LEU A 98 1.88 14.90 -16.05
N ALA A 99 1.84 15.11 -17.36
CA ALA A 99 0.70 14.74 -18.17
C ALA A 99 0.46 13.22 -18.19
N GLN A 100 1.49 12.45 -17.85
CA GLN A 100 1.32 11.01 -17.70
C GLN A 100 0.27 10.59 -16.65
N ALA A 101 -0.05 11.46 -15.68
CA ALA A 101 -1.02 11.14 -14.65
C ALA A 101 -2.34 10.71 -15.25
N PHE A 102 -2.68 11.30 -16.41
CA PHE A 102 -3.94 11.02 -17.12
C PHE A 102 -3.97 9.69 -17.88
N LEU A 103 -2.79 9.23 -18.32
CA LEU A 103 -2.64 7.89 -18.88
C LEU A 103 -2.64 6.85 -17.78
N ILE A 104 -1.82 7.03 -16.76
CA ILE A 104 -1.85 6.14 -15.58
C ILE A 104 -3.23 6.15 -14.92
N GLY A 105 -3.85 7.32 -14.82
CA GLY A 105 -5.17 7.46 -14.18
C GLY A 105 -6.40 7.27 -15.07
N GLU A 106 -6.22 6.77 -16.29
CA GLU A 106 -7.31 6.74 -17.25
C GLU A 106 -8.53 5.99 -16.77
N SER A 107 -8.35 4.78 -16.27
CA SER A 107 -9.50 4.01 -15.79
C SER A 107 -10.05 4.57 -14.49
N PHE A 108 -9.18 5.07 -13.61
CA PHE A 108 -9.64 5.82 -12.43
C PHE A 108 -10.56 6.98 -12.79
N ILE A 109 -10.13 7.84 -13.72
CA ILE A 109 -10.95 9.01 -14.09
C ILE A 109 -12.30 8.59 -14.71
N GLY A 110 -12.24 7.58 -15.58
CA GLY A 110 -13.41 7.10 -16.28
C GLY A 110 -13.95 8.21 -17.15
N ASN A 111 -15.23 8.49 -16.98
CA ASN A 111 -15.92 9.50 -17.78
C ASN A 111 -16.16 10.78 -16.95
N ASP A 112 -15.46 10.93 -15.83
CA ASP A 112 -15.65 12.06 -14.93
C ASP A 112 -14.75 13.24 -15.22
N LEU A 113 -15.09 14.37 -14.60
CA LEU A 113 -14.23 15.56 -14.55
C LEU A 113 -13.10 15.26 -13.55
N SER A 114 -12.03 16.04 -13.60
CA SER A 114 -10.88 15.75 -12.75
C SER A 114 -10.13 16.98 -12.26
N ALA A 115 -9.24 16.72 -11.29
CA ALA A 115 -8.30 17.73 -10.81
C ALA A 115 -6.96 17.09 -10.51
N LEU A 116 -5.90 17.66 -11.07
CA LEU A 116 -4.55 17.23 -10.72
C LEU A 116 -3.90 18.27 -9.80
N VAL A 117 -3.33 17.78 -8.70
CA VAL A 117 -2.46 18.58 -7.86
C VAL A 117 -1.09 17.92 -7.77
N LEU A 118 -0.05 18.73 -7.78
CA LEU A 118 1.30 18.24 -7.48
C LEU A 118 1.42 17.96 -5.99
N GLY A 119 1.99 16.81 -5.70
CA GLY A 119 2.20 16.41 -4.33
C GLY A 119 3.24 17.20 -3.55
N ASP A 120 3.98 18.11 -4.18
CA ASP A 120 4.88 19.01 -3.43
C ASP A 120 4.47 20.48 -3.40
N ASN A 121 3.20 20.77 -3.72
CA ASN A 121 2.71 22.16 -3.80
C ASN A 121 1.90 22.52 -2.56
N LEU A 122 2.29 23.60 -1.89
CA LEU A 122 1.60 24.08 -0.69
C LEU A 122 0.89 25.38 -1.02
N TYR A 123 -0.36 25.50 -0.60
CA TYR A 123 -1.07 26.77 -0.71
C TYR A 123 -1.64 27.21 0.61
N TYR A 124 -1.84 28.51 0.74
CA TYR A 124 -2.47 29.10 1.93
C TYR A 124 -3.09 30.45 1.60
N GLY A 125 -4.28 30.68 2.16
CA GLY A 125 -4.86 32.02 2.17
C GLY A 125 -6.34 32.12 2.32
N HIS A 126 -6.78 33.36 2.38
CA HIS A 126 -8.15 33.67 2.73
C HIS A 126 -9.06 33.43 1.55
N ASP A 127 -10.18 32.79 1.81
CA ASP A 127 -11.14 32.46 0.75
C ASP A 127 -10.55 31.47 -0.29
N PHE A 128 -9.58 30.64 0.12
CA PHE A 128 -9.02 29.64 -0.80
C PHE A 128 -10.11 28.68 -1.27
N HIS A 129 -10.98 28.30 -0.33
CA HIS A 129 -12.16 27.47 -0.59
C HIS A 129 -12.99 28.00 -1.76
N GLU A 130 -13.24 29.30 -1.74
CA GLU A 130 -14.05 29.96 -2.77
C GLU A 130 -13.29 30.02 -4.08
N LEU A 131 -11.99 30.32 -4.02
CA LEU A 131 -11.14 30.23 -5.22
C LEU A 131 -11.18 28.84 -5.83
N LEU A 132 -11.00 27.80 -5.05
CA LEU A 132 -11.15 26.44 -5.57
C LEU A 132 -12.58 26.16 -6.09
N GLY A 133 -13.57 26.72 -5.40
CA GLY A 133 -14.98 26.54 -5.77
C GLY A 133 -15.32 26.99 -7.17
N SER A 134 -14.78 28.14 -7.56
CA SER A 134 -15.05 28.69 -8.90
C SER A 134 -14.39 27.87 -10.03
N ALA A 135 -13.22 27.28 -9.77
CA ALA A 135 -12.59 26.42 -10.75
C ALA A 135 -13.37 25.10 -10.87
N SER A 136 -13.70 24.46 -9.74
CA SER A 136 -14.37 23.16 -9.85
C SER A 136 -15.81 23.24 -10.37
N GLN A 137 -16.45 24.40 -10.25
CA GLN A 137 -17.84 24.56 -10.74
C GLN A 137 -17.91 24.69 -12.26
N ARG A 138 -16.86 25.20 -12.87
CA ARG A 138 -16.69 25.20 -14.32
C ARG A 138 -16.57 23.74 -14.82
N GLN A 139 -17.65 23.22 -15.39
CA GLN A 139 -17.74 21.81 -15.80
C GLN A 139 -17.21 21.51 -17.22
N THR A 140 -16.94 22.54 -18.02
CA THR A 140 -16.23 22.34 -19.26
C THR A 140 -14.95 23.13 -19.23
N GLY A 141 -14.04 22.72 -20.08
CA GLY A 141 -12.77 23.37 -20.20
C GLY A 141 -11.83 22.95 -19.09
N ALA A 142 -10.76 23.73 -18.98
CA ALA A 142 -9.75 23.55 -17.97
C ALA A 142 -9.64 24.85 -17.21
N SER A 143 -9.28 24.74 -15.93
CA SER A 143 -8.99 25.92 -15.12
C SER A 143 -7.64 25.75 -14.44
N VAL A 144 -6.77 26.74 -14.64
CA VAL A 144 -5.49 26.82 -13.92
C VAL A 144 -5.43 28.11 -13.12
N PHE A 145 -4.39 28.22 -12.30
CA PHE A 145 -4.11 29.46 -11.55
C PHE A 145 -2.76 30.09 -11.89
N ALA A 146 -2.73 31.41 -11.92
CA ALA A 146 -1.55 32.18 -12.31
C ALA A 146 -1.11 32.98 -11.10
N TYR A 147 0.17 32.89 -10.75
CA TYR A 147 0.71 33.48 -9.53
C TYR A 147 2.01 34.21 -9.82
N HIS A 148 2.09 35.47 -9.40
CA HIS A 148 3.27 36.25 -9.61
C HIS A 148 4.46 35.66 -8.83
N VAL A 149 5.58 35.42 -9.52
CA VAL A 149 6.78 34.86 -8.90
C VAL A 149 8.04 35.64 -9.30
N LEU A 150 9.08 35.47 -8.51
CA LEU A 150 10.37 36.07 -8.77
C LEU A 150 11.03 35.44 -9.98
N ASP A 151 10.88 34.13 -10.12
CA ASP A 151 11.64 33.36 -11.09
C ASP A 151 10.71 32.62 -12.07
N PRO A 152 9.93 33.37 -12.88
CA PRO A 152 9.00 32.71 -13.84
C PRO A 152 9.64 31.74 -14.85
N GLU A 153 10.91 31.94 -15.19
CA GLU A 153 11.73 31.01 -16.04
C GLU A 153 11.65 29.56 -15.60
N ARG A 154 11.43 29.32 -14.32
CA ARG A 154 11.35 27.96 -13.81
C ARG A 154 10.02 27.30 -14.05
N TYR A 155 9.04 28.03 -14.59
CA TYR A 155 7.67 27.54 -14.62
C TYR A 155 7.06 27.64 -16.00
N GLY A 156 5.81 27.16 -16.07
CA GLY A 156 4.90 27.53 -17.15
C GLY A 156 4.47 28.97 -16.93
N VAL A 157 4.67 29.81 -17.96
CA VAL A 157 4.45 31.26 -17.88
C VAL A 157 3.26 31.66 -18.75
N VAL A 158 2.38 32.48 -18.20
CA VAL A 158 1.18 32.93 -18.88
C VAL A 158 1.44 34.34 -19.37
N GLU A 159 1.19 34.59 -20.66
CA GLU A 159 1.22 35.94 -21.23
C GLU A 159 -0.22 36.44 -21.32
N PHE A 160 -0.46 37.68 -20.89
CA PHE A 160 -1.80 38.28 -20.95
C PHE A 160 -1.79 39.43 -21.94
N ASP A 161 -2.93 39.71 -22.56
CA ASP A 161 -3.05 40.91 -23.43
C ASP A 161 -3.47 42.12 -22.58
N GLN A 162 -3.72 43.27 -23.21
CA GLN A 162 -4.05 44.47 -22.43
C GLN A 162 -5.37 44.39 -21.67
N GLY A 163 -6.29 43.55 -22.13
CA GLY A 163 -7.55 43.30 -21.42
C GLY A 163 -7.43 42.31 -20.27
N GLY A 164 -6.25 41.73 -20.09
CA GLY A 164 -6.09 40.72 -19.09
C GLY A 164 -6.45 39.33 -19.57
N LYS A 165 -6.69 39.13 -20.87
CA LYS A 165 -6.93 37.77 -21.39
C LYS A 165 -5.62 37.02 -21.66
N ALA A 166 -5.59 35.75 -21.24
CA ALA A 166 -4.44 34.87 -21.49
C ALA A 166 -4.32 34.51 -22.98
N ILE A 167 -3.15 34.77 -23.55
CA ILE A 167 -2.95 34.61 -24.99
C ILE A 167 -1.83 33.66 -25.38
N SER A 168 -0.88 33.39 -24.47
CA SER A 168 0.06 32.28 -24.68
C SER A 168 0.51 31.65 -23.37
N LEU A 169 1.05 30.45 -23.50
CA LEU A 169 1.70 29.74 -22.42
C LEU A 169 3.03 29.26 -22.95
N GLU A 170 4.09 29.39 -22.15
CA GLU A 170 5.39 28.81 -22.47
C GLU A 170 6.00 28.08 -21.28
N GLU A 171 6.53 26.89 -21.53
CA GLU A 171 7.19 26.10 -20.50
C GLU A 171 8.66 26.53 -20.38
N LYS A 172 9.01 27.01 -19.18
CA LYS A 172 10.37 27.45 -18.86
C LYS A 172 11.05 28.35 -19.91
N PRO A 173 10.36 29.42 -20.31
CA PRO A 173 11.03 30.33 -21.27
C PRO A 173 12.23 31.05 -20.63
N LEU A 174 13.32 31.18 -21.37
CA LEU A 174 14.48 31.94 -20.94
C LEU A 174 14.19 33.42 -20.80
N GLU A 175 13.22 33.96 -21.56
CA GLU A 175 12.85 35.37 -21.43
C GLU A 175 11.34 35.42 -21.22
N PRO A 176 10.91 35.28 -19.96
CA PRO A 176 9.48 35.19 -19.66
C PRO A 176 8.74 36.45 -20.10
N LYS A 177 7.56 36.25 -20.67
CA LYS A 177 6.69 37.35 -21.06
C LYS A 177 6.01 38.03 -19.87
N SER A 178 5.89 37.31 -18.77
CA SER A 178 5.43 37.93 -17.53
C SER A 178 6.06 37.19 -16.39
N ASN A 179 5.75 37.62 -15.18
CA ASN A 179 6.16 36.94 -13.98
C ASN A 179 5.07 36.02 -13.43
N TYR A 180 4.02 35.76 -14.24
CA TYR A 180 2.91 34.90 -13.81
C TYR A 180 3.11 33.42 -14.15
N ALA A 181 3.36 32.62 -13.11
CA ALA A 181 3.58 31.20 -13.25
C ALA A 181 2.29 30.41 -13.03
N VAL A 182 2.15 29.32 -13.78
CA VAL A 182 1.01 28.42 -13.65
C VAL A 182 1.27 27.55 -12.42
N THR A 183 0.35 27.55 -11.45
CA THR A 183 0.55 26.77 -10.20
C THR A 183 0.34 25.28 -10.52
N GLY A 184 0.73 24.41 -9.58
CA GLY A 184 0.60 22.95 -9.75
C GLY A 184 -0.76 22.41 -9.29
N LEU A 185 -1.80 23.06 -9.78
CA LEU A 185 -3.16 22.73 -9.42
C LEU A 185 -3.98 22.96 -10.66
N TYR A 186 -4.59 21.89 -11.17
CA TYR A 186 -5.18 21.91 -12.50
C TYR A 186 -6.55 21.19 -12.50
N PHE A 187 -7.58 21.87 -13.02
CA PHE A 187 -8.93 21.32 -13.13
C PHE A 187 -9.29 21.05 -14.59
N TYR A 188 -9.83 19.85 -14.88
CA TYR A 188 -10.05 19.38 -16.26
C TYR A 188 -11.40 18.76 -16.48
N ASP A 189 -11.96 18.98 -17.66
CA ASP A 189 -13.17 18.30 -18.10
C ASP A 189 -12.80 16.95 -18.70
N GLN A 190 -13.75 16.30 -19.36
CA GLN A 190 -13.56 14.91 -19.82
C GLN A 190 -12.65 14.77 -21.03
N GLN A 191 -12.21 15.89 -21.62
CA GLN A 191 -11.32 15.86 -22.79
C GLN A 191 -9.85 15.63 -22.50
N VAL A 192 -9.43 15.68 -21.24
CA VAL A 192 -8.00 15.68 -20.90
C VAL A 192 -7.29 14.38 -21.28
N VAL A 193 -7.92 13.24 -21.02
CA VAL A 193 -7.29 11.95 -21.26
C VAL A 193 -6.88 11.84 -22.74
N ASP A 194 -7.80 12.25 -23.63
CA ASP A 194 -7.52 12.24 -25.05
C ASP A 194 -6.45 13.22 -25.47
N ILE A 195 -6.50 14.46 -24.96
CA ILE A 195 -5.41 15.40 -25.19
C ILE A 195 -4.09 14.77 -24.69
N ALA A 196 -4.10 14.16 -23.51
CA ALA A 196 -2.87 13.57 -22.97
C ALA A 196 -2.35 12.37 -23.80
N ARG A 197 -3.27 11.55 -24.31
CA ARG A 197 -2.90 10.40 -25.14
C ARG A 197 -2.19 10.82 -26.43
N ASP A 198 -2.57 11.96 -27.01
CA ASP A 198 -1.95 12.42 -28.26
C ASP A 198 -0.64 13.18 -28.08
N LEU A 199 -0.26 13.53 -26.85
CA LEU A 199 0.98 14.29 -26.63
C LEU A 199 2.24 13.54 -27.07
N LYS A 200 3.13 14.26 -27.76
CA LYS A 200 4.49 13.76 -28.04
C LYS A 200 5.46 14.26 -26.95
N PRO A 201 6.42 13.42 -26.50
CA PRO A 201 7.40 13.89 -25.50
C PRO A 201 8.17 15.13 -25.95
N SER A 202 8.49 15.99 -25.01
CA SER A 202 9.18 17.26 -25.30
C SER A 202 10.66 16.97 -25.59
N PRO A 203 11.39 17.99 -26.06
CA PRO A 203 12.85 17.89 -26.18
C PRO A 203 13.54 17.14 -25.02
N ARG A 204 13.20 17.46 -23.77
CA ARG A 204 13.81 16.79 -22.60
C ARG A 204 13.19 15.44 -22.18
N GLY A 205 12.27 14.89 -22.99
CA GLY A 205 11.71 13.57 -22.76
C GLY A 205 10.67 13.51 -21.63
N GLU A 206 9.73 14.47 -21.63
CA GLU A 206 8.59 14.48 -20.68
C GLU A 206 7.29 14.83 -21.37
N LEU A 207 6.19 14.24 -20.87
CA LEU A 207 4.84 14.59 -21.32
C LEU A 207 4.37 15.82 -20.55
N GLU A 208 4.35 16.94 -21.26
CA GLU A 208 4.28 18.27 -20.66
C GLU A 208 2.86 18.69 -20.31
N ILE A 209 2.60 19.04 -19.06
CA ILE A 209 1.29 19.61 -18.71
C ILE A 209 1.02 20.95 -19.41
N THR A 210 2.05 21.72 -19.71
CA THR A 210 1.85 22.98 -20.47
C THR A 210 1.24 22.70 -21.85
N ASP A 211 1.65 21.59 -22.47
CA ASP A 211 1.07 21.18 -23.79
C ASP A 211 -0.41 20.84 -23.67
N VAL A 212 -0.81 20.23 -22.56
CA VAL A 212 -2.22 20.00 -22.30
C VAL A 212 -2.93 21.34 -22.21
N ASN A 213 -2.37 22.23 -21.40
CA ASN A 213 -3.02 23.50 -21.13
C ASN A 213 -3.08 24.34 -22.41
N ARG A 214 -2.04 24.26 -23.23
CA ARG A 214 -2.08 24.94 -24.52
C ARG A 214 -3.18 24.41 -25.48
N ALA A 215 -3.45 23.11 -25.41
CA ALA A 215 -4.51 22.47 -26.19
C ALA A 215 -5.88 23.05 -25.83
N TYR A 216 -6.19 23.12 -24.53
CA TYR A 216 -7.35 23.86 -24.04
C TYR A 216 -7.33 25.33 -24.45
N LEU A 217 -6.16 25.98 -24.35
CA LEU A 217 -6.07 27.41 -24.73
C LEU A 217 -6.44 27.64 -26.19
N GLU A 218 -5.93 26.77 -27.05
CA GLU A 218 -6.17 26.83 -28.49
C GLU A 218 -7.64 26.60 -28.87
N ARG A 219 -8.39 25.84 -28.06
CA ARG A 219 -9.83 25.64 -28.24
C ARG A 219 -10.67 26.74 -27.59
N GLY A 220 -10.07 27.82 -27.10
CA GLY A 220 -10.82 28.79 -26.30
C GLY A 220 -11.45 28.22 -25.02
N GLN A 221 -10.88 27.16 -24.45
CA GLN A 221 -11.50 26.54 -23.24
C GLN A 221 -10.60 26.52 -21.99
N LEU A 222 -9.61 27.40 -21.94
CA LEU A 222 -8.74 27.53 -20.78
C LEU A 222 -9.14 28.77 -20.00
N SER A 223 -9.62 28.58 -18.78
CA SER A 223 -9.71 29.67 -17.82
C SER A 223 -8.43 29.75 -16.97
N VAL A 224 -7.87 30.95 -16.89
CA VAL A 224 -6.69 31.23 -16.09
C VAL A 224 -7.13 32.25 -15.03
N GLU A 225 -7.26 31.82 -13.79
CA GLU A 225 -7.60 32.77 -12.74
C GLU A 225 -6.33 33.22 -12.04
N ILE A 226 -6.26 34.52 -11.74
CA ILE A 226 -5.17 35.04 -10.91
C ILE A 226 -5.34 34.49 -9.50
N MET A 227 -4.30 33.86 -8.98
CA MET A 227 -4.19 33.62 -7.52
C MET A 227 -3.38 34.78 -7.00
N GLY A 228 -4.00 35.64 -6.22
CA GLY A 228 -3.40 36.95 -5.90
C GLY A 228 -2.25 36.88 -4.92
N ARG A 229 -1.61 38.02 -4.71
CA ARG A 229 -0.40 38.08 -3.86
C ARG A 229 -0.71 37.84 -2.38
N GLY A 230 -1.96 38.02 -1.99
CA GLY A 230 -2.46 37.72 -0.63
C GLY A 230 -2.53 36.24 -0.32
N TYR A 231 -2.41 35.38 -1.35
CA TYR A 231 -2.16 33.96 -1.16
C TYR A 231 -0.68 33.65 -1.13
N ALA A 232 -0.31 32.58 -0.39
CA ALA A 232 1.04 32.04 -0.46
C ALA A 232 1.01 30.74 -1.23
N TRP A 233 1.79 30.65 -2.30
CA TRP A 233 2.01 29.40 -3.02
C TRP A 233 3.48 29.12 -2.80
N LEU A 234 3.76 28.10 -1.97
CA LEU A 234 5.11 27.92 -1.49
C LEU A 234 5.94 26.94 -2.31
N ASP A 235 7.23 27.24 -2.28
CA ASP A 235 8.23 26.61 -3.09
C ASP A 235 8.81 25.46 -2.26
N THR A 236 8.75 24.23 -2.78
CA THR A 236 9.46 23.11 -2.19
C THR A 236 10.53 22.55 -3.16
N GLY A 237 10.94 23.34 -4.15
CA GLY A 237 11.90 22.89 -5.13
C GLY A 237 13.36 22.75 -4.68
N THR A 238 13.79 23.49 -3.65
CA THR A 238 15.18 23.44 -3.15
C THR A 238 15.19 23.14 -1.68
N HIS A 239 16.35 22.72 -1.18
CA HIS A 239 16.49 22.54 0.27
C HIS A 239 16.23 23.86 1.02
N ASP A 240 16.69 24.98 0.47
CA ASP A 240 16.41 26.28 1.09
C ASP A 240 14.91 26.60 1.14
N SER A 241 14.19 26.35 0.04
CA SER A 241 12.77 26.71 0.03
C SER A 241 11.94 25.75 0.87
N LEU A 242 12.36 24.49 0.98
CA LEU A 242 11.68 23.47 1.83
C LEU A 242 11.70 23.96 3.30
N LEU A 243 12.85 24.49 3.68
CA LEU A 243 13.06 25.01 5.01
C LEU A 243 12.21 26.25 5.29
N GLU A 244 12.13 27.16 4.32
CA GLU A 244 11.20 28.31 4.39
C GLU A 244 9.75 27.92 4.50
N ALA A 245 9.34 26.92 3.73
CA ALA A 245 8.00 26.39 3.82
C ALA A 245 7.70 25.93 5.24
N GLY A 246 8.62 25.18 5.84
CA GLY A 246 8.48 24.78 7.26
C GLY A 246 8.34 25.95 8.24
N GLN A 247 9.22 26.94 8.10
CA GLN A 247 9.22 28.13 8.96
CA GLN A 247 9.19 28.12 9.01
C GLN A 247 7.89 28.89 8.80
N PHE A 248 7.41 28.95 7.55
CA PHE A 248 6.20 29.67 7.20
C PHE A 248 4.97 29.11 7.93
N ILE A 249 4.78 27.80 7.81
CA ILE A 249 3.68 27.09 8.45
C ILE A 249 3.80 27.10 9.98
N ALA A 250 5.01 26.85 10.48
CA ALA A 250 5.26 26.96 11.91
C ALA A 250 4.83 28.30 12.47
N THR A 251 5.21 29.38 11.82
CA THR A 251 4.83 30.73 12.25
C THR A 251 3.32 30.94 12.28
N LEU A 252 2.59 30.47 11.28
CA LEU A 252 1.15 30.67 11.25
C LEU A 252 0.49 29.84 12.33
N GLU A 253 0.96 28.62 12.48
CA GLU A 253 0.37 27.68 13.40
C GLU A 253 0.59 28.06 14.84
N ASN A 254 1.81 28.47 15.18
CA ASN A 254 2.10 28.91 16.55
C ASN A 254 1.41 30.20 16.95
N ARG A 255 1.24 31.09 15.99
CA ARG A 255 0.51 32.33 16.17
C ARG A 255 -0.99 32.08 16.48
N GLN A 256 -1.60 31.18 15.73
CA GLN A 256 -3.04 31.03 15.68
C GLN A 256 -3.58 30.00 16.64
N GLY A 257 -2.77 28.99 16.98
CA GLY A 257 -3.30 27.79 17.60
C GLY A 257 -4.27 27.06 16.65
N LEU A 258 -4.07 27.23 15.34
CA LEU A 258 -4.84 26.53 14.31
C LEU A 258 -3.86 25.95 13.32
N LYS A 259 -4.26 24.85 12.67
CA LYS A 259 -3.40 24.14 11.76
C LYS A 259 -3.75 24.51 10.34
N VAL A 260 -2.72 24.49 9.49
CA VAL A 260 -2.86 24.56 8.05
C VAL A 260 -2.81 23.14 7.48
N ALA A 261 -3.80 22.78 6.68
CA ALA A 261 -3.87 21.50 5.98
C ALA A 261 -3.86 20.25 6.88
N CYS A 262 -4.65 20.31 7.94
CA CYS A 262 -4.93 19.19 8.79
C CYS A 262 -6.09 18.45 8.15
N PRO A 263 -5.84 17.26 7.55
CA PRO A 263 -6.93 16.58 6.81
C PRO A 263 -8.13 16.22 7.64
N GLU A 264 -7.88 15.79 8.87
CA GLU A 264 -8.95 15.38 9.77
C GLU A 264 -9.92 16.55 9.96
N GLU A 265 -9.34 17.73 10.20
CA GLU A 265 -10.10 18.95 10.39
C GLU A 265 -10.93 19.29 9.17
N ILE A 266 -10.34 19.19 7.99
CA ILE A 266 -11.05 19.56 6.76
C ILE A 266 -12.19 18.58 6.49
N ALA A 267 -11.96 17.27 6.64
CA ALA A 267 -13.06 16.32 6.58
C ALA A 267 -14.18 16.59 7.62
N TYR A 268 -13.79 17.03 8.81
CA TYR A 268 -14.76 17.37 9.84
C TYR A 268 -15.64 18.59 9.42
N ARG A 269 -15.00 19.64 8.91
CA ARG A 269 -15.73 20.86 8.46
C ARG A 269 -16.51 20.67 7.17
N GLN A 270 -16.09 19.75 6.31
CA GLN A 270 -16.91 19.35 5.17
C GLN A 270 -18.10 18.45 5.61
N LYS A 271 -18.08 17.96 6.85
CA LYS A 271 -19.08 17.03 7.39
C LYS A 271 -19.02 15.67 6.69
N TRP A 272 -17.82 15.29 6.26
CA TRP A 272 -17.54 13.96 5.77
C TRP A 272 -17.26 12.98 6.94
N ILE A 273 -16.77 13.50 8.06
CA ILE A 273 -16.79 12.78 9.35
C ILE A 273 -17.53 13.61 10.41
N ASP A 274 -18.04 12.91 11.43
CA ASP A 274 -18.79 13.54 12.52
C ASP A 274 -17.92 13.62 13.77
N ALA A 275 -18.46 14.14 14.85
CA ALA A 275 -17.69 14.36 16.07
C ALA A 275 -17.18 13.06 16.70
N ALA A 276 -18.01 12.01 16.68
CA ALA A 276 -17.61 10.69 17.22
C ALA A 276 -16.44 10.07 16.45
N GLN A 277 -16.46 10.21 15.11
CA GLN A 277 -15.36 9.71 14.27
C GLN A 277 -14.06 10.48 14.52
N LEU A 278 -14.15 11.80 14.60
CA LEU A 278 -13.00 12.63 14.90
C LEU A 278 -12.42 12.30 16.27
N GLU A 279 -13.26 12.07 17.25
CA GLU A 279 -12.77 11.69 18.58
C GLU A 279 -11.94 10.41 18.54
N LYS A 280 -12.36 9.40 17.78
CA LYS A 280 -11.55 8.17 17.61
C LYS A 280 -10.23 8.38 16.91
N LEU A 281 -10.18 9.35 15.98
CA LEU A 281 -8.93 9.74 15.31
C LEU A 281 -7.98 10.46 16.23
N ALA A 282 -8.52 11.23 17.17
CA ALA A 282 -7.69 11.92 18.18
C ALA A 282 -7.06 10.95 19.17
N ALA A 283 -7.74 9.84 19.48
CA ALA A 283 -7.30 8.88 20.53
C ALA A 283 -5.85 8.39 20.40
N PRO A 284 -5.47 7.72 19.29
CA PRO A 284 -4.08 7.25 19.17
C PRO A 284 -2.99 8.32 19.18
N LEU A 285 -3.35 9.60 19.00
CA LEU A 285 -2.37 10.68 19.02
C LEU A 285 -2.53 11.59 20.25
N ALA A 286 -3.33 11.15 21.24
CA ALA A 286 -3.69 12.00 22.39
C ALA A 286 -2.49 12.60 23.15
N LYS A 287 -1.37 11.88 23.21
CA LYS A 287 -0.19 12.33 23.95
C LYS A 287 0.69 13.33 23.19
N ASN A 288 0.38 13.60 21.92
CA ASN A 288 1.09 14.66 21.21
C ASN A 288 0.18 15.83 20.89
N GLY A 289 0.79 16.91 20.40
CA GLY A 289 0.07 18.14 20.08
C GLY A 289 -0.96 17.94 18.99
N TYR A 290 -0.69 17.03 18.06
CA TYR A 290 -1.58 16.80 16.91
C TYR A 290 -2.91 16.17 17.35
N GLY A 291 -2.85 15.09 18.12
CA GLY A 291 -4.08 14.48 18.69
C GLY A 291 -4.84 15.38 19.66
N GLN A 292 -4.08 16.20 20.40
CA GLN A 292 -4.63 17.22 21.29
C GLN A 292 -5.36 18.28 20.46
N TYR A 293 -4.75 18.69 19.33
CA TYR A 293 -5.41 19.58 18.39
C TYR A 293 -6.73 19.02 17.89
N LEU A 294 -6.71 17.79 17.39
CA LEU A 294 -7.97 17.12 16.96
C LEU A 294 -9.07 17.11 18.06
N LYS A 295 -8.64 16.89 19.30
CA LYS A 295 -9.53 16.88 20.44
C LYS A 295 -10.11 18.28 20.68
N ARG A 296 -9.31 19.35 20.63
CA ARG A 296 -9.85 20.69 20.90
C ARG A 296 -10.91 21.11 19.88
N LEU A 297 -10.72 20.72 18.61
CA LEU A 297 -11.70 21.02 17.57
C LEU A 297 -13.10 20.44 17.81
N LEU A 298 -13.25 19.50 18.75
CA LEU A 298 -14.58 18.97 19.05
C LEU A 298 -15.44 19.95 19.84
N THR A 299 -14.82 20.75 20.69
CA THR A 299 -15.54 21.65 21.59
C THR A 299 -15.46 23.13 21.21
N GLU A 300 -14.50 23.52 20.38
CA GLU A 300 -14.33 24.91 20.02
C GLU A 300 -15.09 25.29 18.74
N THR A 301 -15.75 26.45 18.75
CA THR A 301 -16.26 27.07 17.52
C THR A 301 -15.11 27.89 16.87
N VAL A 302 -14.76 27.60 15.62
CA VAL A 302 -13.72 28.32 14.88
C VAL A 302 -14.37 28.86 13.62
N TYR A 303 -14.41 30.19 13.45
CA TYR A 303 -15.07 30.82 12.31
C TYR A 303 -14.17 30.83 11.09
N MET B 11 44.71 -0.13 21.07
CA MET B 11 43.46 -0.91 20.84
C MET B 11 42.47 -0.19 19.93
N LYS B 12 41.69 -0.99 19.22
CA LYS B 12 40.72 -0.50 18.26
C LYS B 12 39.34 -0.26 18.91
N ARG B 13 38.62 0.74 18.39
CA ARG B 13 37.32 1.12 18.95
C ARG B 13 36.22 0.94 17.87
N LYS B 14 35.10 0.33 18.23
CA LYS B 14 33.97 0.16 17.32
C LYS B 14 32.88 1.16 17.65
N GLY B 15 32.09 1.50 16.65
CA GLY B 15 30.98 2.46 16.82
C GLY B 15 29.61 1.83 16.72
N ILE B 16 28.67 2.39 17.45
CA ILE B 16 27.25 2.04 17.29
C ILE B 16 26.50 3.32 17.10
N ILE B 17 25.65 3.41 16.08
CA ILE B 17 24.61 4.46 15.99
C ILE B 17 23.28 3.83 16.41
N LEU B 18 22.65 4.33 17.47
CA LEU B 18 21.30 3.90 17.79
C LEU B 18 20.29 4.84 17.11
N ALA B 19 19.62 4.34 16.08
CA ALA B 19 18.67 5.13 15.31
C ALA B 19 17.36 4.40 15.24
N GLY B 20 16.81 4.19 16.43
CA GLY B 20 15.56 3.46 16.62
C GLY B 20 14.37 4.36 16.79
N GLY B 21 13.27 3.80 17.27
CA GLY B 21 11.97 4.47 17.26
C GLY B 21 11.91 5.66 18.19
N SER B 22 11.33 6.76 17.71
CA SER B 22 11.02 7.92 18.57
C SER B 22 9.52 7.89 18.96
N GLY B 23 8.98 6.72 19.30
CA GLY B 23 7.56 6.58 19.67
C GLY B 23 6.56 7.20 18.69
N THR B 24 5.54 7.89 19.23
CA THR B 24 4.52 8.61 18.45
C THR B 24 4.60 10.14 18.61
N ARG B 25 5.58 10.62 19.36
CA ARG B 25 5.81 12.05 19.62
C ARG B 25 5.82 13.00 18.40
N LEU B 26 6.39 12.59 17.27
CA LEU B 26 6.48 13.46 16.08
C LEU B 26 5.45 13.08 15.00
N HIS B 27 4.49 12.20 15.33
CA HIS B 27 3.48 11.75 14.36
C HIS B 27 2.54 12.93 14.10
N PRO B 28 2.03 13.07 12.88
CA PRO B 28 2.16 12.11 11.78
C PRO B 28 3.38 12.30 10.87
N ALA B 29 4.25 13.25 11.16
CA ALA B 29 5.44 13.47 10.33
C ALA B 29 6.37 12.25 10.23
N THR B 30 6.44 11.50 11.31
CA THR B 30 7.23 10.28 11.39
C THR B 30 6.39 9.02 11.28
N LEU B 31 5.15 9.10 10.83
CA LEU B 31 4.39 7.89 10.56
C LEU B 31 5.00 7.08 9.40
N ALA B 32 5.32 7.77 8.31
CA ALA B 32 5.83 7.11 7.09
C ALA B 32 7.25 6.57 7.17
N ILE B 33 8.08 7.08 8.07
CA ILE B 33 9.54 6.90 7.98
C ILE B 33 10.16 7.36 9.27
N SER B 34 11.20 6.69 9.73
CA SER B 34 11.82 7.04 11.00
C SER B 34 12.56 8.37 10.86
N LYS B 35 12.42 9.14 11.91
CA LYS B 35 13.10 10.41 12.11
C LYS B 35 14.50 10.52 11.50
N GLN B 36 15.36 9.54 11.78
CA GLN B 36 16.79 9.65 11.45
C GLN B 36 17.07 9.47 9.96
N LEU B 37 16.01 9.15 9.18
CA LEU B 37 16.07 9.20 7.70
C LEU B 37 15.55 10.50 7.09
N LEU B 38 14.88 11.33 7.90
CA LEU B 38 14.44 12.65 7.46
C LEU B 38 15.68 13.54 7.32
N PRO B 39 15.61 14.55 6.45
CA PRO B 39 16.77 15.40 6.29
C PRO B 39 16.87 16.45 7.35
N VAL B 40 18.12 16.85 7.62
CA VAL B 40 18.39 18.12 8.29
C VAL B 40 19.07 18.92 7.20
N TYR B 41 18.31 19.87 6.66
CA TYR B 41 18.69 20.65 5.49
C TYR B 41 18.93 19.75 4.25
N ASP B 42 20.18 19.51 3.90
CA ASP B 42 20.52 18.89 2.62
C ASP B 42 20.84 17.40 2.74
N LYS B 43 20.86 16.86 3.94
CA LYS B 43 21.34 15.49 4.10
C LYS B 43 20.55 14.73 5.17
N PRO B 44 20.42 13.40 5.00
CA PRO B 44 19.71 12.61 5.99
C PRO B 44 20.30 12.80 7.40
N MET B 45 19.42 12.94 8.37
CA MET B 45 19.81 13.15 9.74
C MET B 45 20.97 12.29 10.16
N ILE B 46 20.97 11.02 9.73
CA ILE B 46 21.96 10.08 10.20
C ILE B 46 23.36 10.38 9.70
N TYR B 47 23.48 11.15 8.62
CA TYR B 47 24.78 11.60 8.12
C TYR B 47 25.57 12.31 9.22
N TYR B 48 24.85 12.98 10.12
CA TYR B 48 25.47 13.81 11.16
C TYR B 48 26.16 12.98 12.30
N PRO B 49 25.46 12.01 12.92
CA PRO B 49 26.13 11.12 13.86
C PRO B 49 27.15 10.17 13.21
N LEU B 50 26.89 9.73 11.98
CA LEU B 50 27.86 8.92 11.26
C LEU B 50 29.15 9.71 11.11
N SER B 51 29.06 10.92 10.56
CA SER B 51 30.21 11.77 10.40
C SER B 51 30.96 12.01 11.73
N THR B 52 30.21 12.08 12.83
CA THR B 52 30.77 12.24 14.13
C THR B 52 31.68 11.06 14.50
N LEU B 53 31.23 9.83 14.23
CA LEU B 53 32.01 8.64 14.51
C LEU B 53 33.25 8.60 13.65
N MET B 54 33.06 8.95 12.38
CA MET B 54 34.16 9.00 11.44
C MET B 54 35.20 10.03 11.90
N LEU B 55 34.72 11.19 12.36
CA LEU B 55 35.63 12.25 12.87
C LEU B 55 36.43 11.73 14.06
N ALA B 56 35.80 10.89 14.90
CA ALA B 56 36.52 10.19 15.96
C ALA B 56 37.47 9.09 15.48
N GLY B 57 37.66 8.88 14.17
CA GLY B 57 38.51 7.81 13.67
C GLY B 57 37.89 6.43 13.61
N ILE B 58 36.59 6.32 13.90
CA ILE B 58 35.89 5.03 13.95
C ILE B 58 35.44 4.63 12.51
N ARG B 59 35.85 3.44 12.06
CA ARG B 59 35.51 2.93 10.70
C ARG B 59 34.57 1.72 10.67
N GLU B 60 34.53 0.95 11.76
CA GLU B 60 33.63 -0.18 11.92
C GLU B 60 32.45 0.19 12.84
N ILE B 61 31.26 0.25 12.24
CA ILE B 61 30.09 0.83 12.86
C ILE B 61 28.84 -0.05 12.70
N LEU B 62 28.12 -0.27 13.78
CA LEU B 62 26.84 -0.97 13.79
C LEU B 62 25.72 0.07 13.83
N ILE B 63 24.82 -0.02 12.86
CA ILE B 63 23.64 0.83 12.79
C ILE B 63 22.46 0.01 13.29
N ILE B 64 21.84 0.47 14.38
CA ILE B 64 20.66 -0.13 14.95
C ILE B 64 19.45 0.75 14.63
N SER B 65 18.42 0.15 14.05
CA SER B 65 17.16 0.83 13.75
C SER B 65 15.98 -0.08 14.09
N THR B 66 14.76 0.40 13.85
CA THR B 66 13.56 -0.43 14.00
C THR B 66 13.61 -1.56 12.96
N PRO B 67 12.90 -2.68 13.21
CA PRO B 67 12.85 -3.70 12.14
C PRO B 67 12.30 -3.20 10.78
N GLN B 68 11.28 -2.36 10.77
CA GLN B 68 10.78 -1.92 9.48
C GLN B 68 11.79 -1.04 8.72
N ASP B 69 12.61 -0.24 9.40
CA ASP B 69 13.48 0.70 8.66
C ASP B 69 14.90 0.23 8.36
N THR B 70 15.34 -0.91 8.90
CA THR B 70 16.68 -1.41 8.56
C THR B 70 17.00 -1.50 7.07
N PRO B 71 16.11 -2.08 6.25
CA PRO B 71 16.40 -2.10 4.81
C PRO B 71 16.68 -0.72 4.27
N ARG B 72 15.98 0.29 4.78
CA ARG B 72 16.16 1.63 4.27
C ARG B 72 17.49 2.25 4.70
N PHE B 73 17.91 2.00 5.95
CA PHE B 73 19.26 2.41 6.35
C PHE B 73 20.30 1.64 5.51
N GLN B 74 20.02 0.37 5.23
CA GLN B 74 20.91 -0.47 4.40
C GLN B 74 21.02 0.04 2.98
N GLN B 75 19.87 0.42 2.42
CA GLN B 75 19.79 1.00 1.08
C GLN B 75 20.54 2.34 0.99
N LEU B 76 20.35 3.21 1.98
CA LEU B 76 21.07 4.48 2.01
C LEU B 76 22.60 4.32 2.10
N LEU B 77 23.06 3.57 3.08
CA LEU B 77 24.45 3.57 3.49
C LEU B 77 25.28 2.37 3.00
N GLY B 78 24.62 1.29 2.55
CA GLY B 78 25.32 0.08 2.10
C GLY B 78 26.24 -0.57 3.13
N ASP B 79 27.25 -1.32 2.67
CA ASP B 79 28.27 -1.91 3.58
C ASP B 79 29.39 -0.91 3.99
N GLY B 80 29.32 0.31 3.47
CA GLY B 80 30.27 1.34 3.83
C GLY B 80 31.50 1.40 2.95
N SER B 81 31.75 0.38 2.14
CA SER B 81 33.05 0.21 1.47
C SER B 81 33.38 1.42 0.59
N ASN B 82 32.35 2.03 0.00
CA ASN B 82 32.50 3.25 -0.79
C ASN B 82 33.07 4.45 -0.05
N TRP B 83 32.92 4.50 1.28
CA TRP B 83 33.44 5.59 2.09
C TRP B 83 34.56 5.13 3.03
N GLY B 84 35.16 3.97 2.75
CA GLY B 84 36.22 3.40 3.59
C GLY B 84 35.77 2.89 4.96
N LEU B 85 34.49 2.55 5.07
CA LEU B 85 33.90 2.05 6.30
C LEU B 85 33.49 0.60 6.12
N ASP B 86 33.27 -0.05 7.25
CA ASP B 86 32.72 -1.38 7.33
C ASP B 86 31.47 -1.25 8.19
N LEU B 87 30.31 -1.12 7.54
CA LEU B 87 29.05 -0.96 8.24
C LEU B 87 28.31 -2.30 8.37
N GLN B 88 27.73 -2.53 9.53
CA GLN B 88 26.84 -3.64 9.78
C GLN B 88 25.54 -3.08 10.36
N TYR B 89 24.54 -3.94 10.49
CA TYR B 89 23.22 -3.54 10.87
C TYR B 89 22.57 -4.51 11.84
N ALA B 90 21.68 -3.99 12.67
CA ALA B 90 20.93 -4.80 13.62
C ALA B 90 19.69 -4.05 13.95
N VAL B 91 18.76 -4.75 14.60
CA VAL B 91 17.43 -4.22 14.84
C VAL B 91 17.15 -4.08 16.33
N GLN B 92 16.33 -3.10 16.68
CA GLN B 92 15.82 -2.96 18.03
C GLN B 92 14.31 -3.14 17.93
N PRO B 93 13.79 -4.37 18.19
CA PRO B 93 12.35 -4.66 18.00
C PRO B 93 11.43 -3.70 18.75
N SER B 94 11.89 -3.22 19.89
CA SER B 94 11.12 -2.31 20.73
C SER B 94 12.07 -1.28 21.38
N PRO B 95 11.61 -0.02 21.52
CA PRO B 95 12.42 1.01 22.21
C PRO B 95 12.46 0.81 23.75
N ASP B 96 13.15 -0.22 24.21
CA ASP B 96 13.24 -0.56 25.64
C ASP B 96 14.50 0.00 26.33
N GLY B 97 15.09 1.08 25.79
CA GLY B 97 16.20 1.77 26.44
C GLY B 97 17.44 1.90 25.58
N LEU B 98 18.13 3.01 25.71
CA LEU B 98 19.37 3.23 24.95
C LEU B 98 20.50 2.22 25.28
N ALA B 99 20.51 1.66 26.50
CA ALA B 99 21.53 0.65 26.91
C ALA B 99 21.34 -0.71 26.23
N GLN B 100 20.15 -0.93 25.70
CA GLN B 100 19.87 -2.11 24.91
C GLN B 100 20.83 -2.23 23.73
N ALA B 101 21.38 -1.10 23.29
CA ALA B 101 22.34 -1.07 22.20
C ALA B 101 23.54 -1.98 22.42
N PHE B 102 24.00 -2.04 23.67
CA PHE B 102 25.14 -2.90 24.06
C PHE B 102 24.78 -4.40 24.16
N LEU B 103 23.51 -4.71 24.39
CA LEU B 103 23.03 -6.11 24.32
C LEU B 103 22.84 -6.52 22.88
N ILE B 104 22.16 -5.69 22.10
CA ILE B 104 21.98 -5.96 20.65
C ILE B 104 23.33 -6.03 19.99
N GLY B 105 24.24 -5.14 20.38
CA GLY B 105 25.57 -5.04 19.79
C GLY B 105 26.68 -5.88 20.41
N GLU B 106 26.34 -6.82 21.29
CA GLU B 106 27.35 -7.56 22.03
C GLU B 106 28.34 -8.29 21.15
N SER B 107 27.86 -9.09 20.20
CA SER B 107 28.81 -9.86 19.39
C SER B 107 29.53 -8.96 18.39
N PHE B 108 28.88 -7.90 17.90
CA PHE B 108 29.57 -6.89 17.12
C PHE B 108 30.72 -6.25 17.94
N ILE B 109 30.47 -5.85 19.18
CA ILE B 109 31.51 -5.20 19.99
C ILE B 109 32.70 -6.17 20.26
N GLY B 110 32.35 -7.38 20.72
CA GLY B 110 33.33 -8.42 21.01
C GLY B 110 34.16 -8.01 22.21
N ASN B 111 35.48 -8.08 22.07
CA ASN B 111 36.38 -7.68 23.15
C ASN B 111 37.02 -6.29 22.90
N ASP B 112 36.37 -5.44 22.10
CA ASP B 112 36.93 -4.14 21.75
C ASP B 112 36.41 -3.01 22.61
N LEU B 113 37.03 -1.85 22.44
CA LEU B 113 36.49 -0.61 23.00
C LEU B 113 35.30 -0.21 22.12
N SER B 114 34.39 0.60 22.66
CA SER B 114 33.25 1.07 21.87
C SER B 114 32.84 2.55 22.04
N ALA B 115 32.04 3.03 21.10
CA ALA B 115 31.46 4.37 21.16
C ALA B 115 30.02 4.31 20.65
N LEU B 116 29.08 4.87 21.43
CA LEU B 116 27.69 4.98 21.07
C LEU B 116 27.35 6.44 20.78
N VAL B 117 26.65 6.66 19.67
CA VAL B 117 26.08 7.97 19.36
C VAL B 117 24.61 7.80 19.02
N LEU B 118 23.78 8.72 19.48
CA LEU B 118 22.37 8.70 19.17
C LEU B 118 22.16 9.18 17.76
N GLY B 119 21.37 8.42 17.03
CA GLY B 119 21.16 8.67 15.61
C GLY B 119 20.54 9.99 15.23
N ASP B 120 20.04 10.73 16.22
CA ASP B 120 19.37 12.02 15.99
C ASP B 120 20.09 13.24 16.63
N ASN B 121 21.39 13.10 16.90
CA ASN B 121 22.20 14.09 17.60
C ASN B 121 23.15 14.76 16.61
N LEU B 122 23.14 16.10 16.61
CA LEU B 122 23.92 16.93 15.70
C LEU B 122 24.88 17.75 16.56
N TYR B 123 26.14 17.72 16.17
CA TYR B 123 27.20 18.47 16.85
C TYR B 123 27.89 19.34 15.86
N TYR B 124 28.33 20.50 16.31
CA TYR B 124 29.18 21.37 15.51
C TYR B 124 30.11 22.18 16.42
N GLY B 125 31.36 22.33 16.00
CA GLY B 125 32.23 23.36 16.56
C GLY B 125 33.71 23.17 16.27
N HIS B 126 34.47 24.20 16.64
CA HIS B 126 35.93 24.22 16.48
C HIS B 126 36.62 23.17 17.33
N ASP B 127 37.59 22.47 16.74
CA ASP B 127 38.35 21.44 17.45
C ASP B 127 37.50 20.24 17.96
N PHE B 128 36.35 19.97 17.34
CA PHE B 128 35.53 18.82 17.70
C PHE B 128 36.35 17.53 17.47
N HIS B 129 37.19 17.52 16.45
CA HIS B 129 38.09 16.39 16.20
C HIS B 129 38.91 16.04 17.46
N GLU B 130 39.45 17.05 18.11
CA GLU B 130 40.34 16.89 19.26
C GLU B 130 39.58 16.54 20.56
N LEU B 131 38.37 17.09 20.75
CA LEU B 131 37.51 16.66 21.87
C LEU B 131 37.12 15.17 21.80
N LEU B 132 36.79 14.68 20.61
CA LEU B 132 36.52 13.25 20.38
C LEU B 132 37.79 12.39 20.49
N GLY B 133 38.88 12.90 19.92
CA GLY B 133 40.14 12.23 19.94
C GLY B 133 40.66 11.98 21.34
N SER B 134 40.48 12.93 22.26
CA SER B 134 40.97 12.74 23.61
C SER B 134 40.07 11.73 24.34
N ALA B 135 38.77 11.75 24.07
CA ALA B 135 37.88 10.73 24.62
C ALA B 135 38.19 9.30 24.14
N SER B 136 38.45 9.10 22.85
CA SER B 136 38.69 7.73 22.34
C SER B 136 40.08 7.17 22.63
N GLN B 137 41.04 8.06 22.94
CA GLN B 137 42.40 7.68 23.40
C GLN B 137 42.41 7.12 24.84
N ARG B 138 41.46 7.57 25.66
CA ARG B 138 41.29 7.09 27.03
C ARG B 138 40.84 5.63 26.92
N GLN B 139 41.78 4.70 27.11
CA GLN B 139 41.54 3.25 26.87
C GLN B 139 40.90 2.44 28.02
N THR B 140 40.79 3.04 29.20
CA THR B 140 40.10 2.45 30.34
C THR B 140 39.02 3.44 30.73
N GLY B 141 37.99 2.95 31.40
CA GLY B 141 36.90 3.79 31.82
C GLY B 141 35.99 4.24 30.67
N ALA B 142 35.09 5.16 31.03
CA ALA B 142 34.13 5.74 30.13
C ALA B 142 34.28 7.26 30.07
N SER B 143 34.08 7.83 28.87
CA SER B 143 33.96 9.31 28.69
C SER B 143 32.57 9.73 28.16
N VAL B 144 32.00 10.76 28.78
CA VAL B 144 30.78 11.40 28.33
C VAL B 144 31.02 12.90 28.31
N PHE B 145 30.08 13.63 27.70
CA PHE B 145 30.14 15.09 27.62
C PHE B 145 28.91 15.74 28.31
N ALA B 146 29.16 16.78 29.10
CA ALA B 146 28.11 17.56 29.75
C ALA B 146 28.01 18.92 29.05
N TYR B 147 26.80 19.33 28.68
CA TYR B 147 26.61 20.56 27.90
C TYR B 147 25.54 21.33 28.63
N HIS B 148 25.74 22.64 28.80
CA HIS B 148 24.74 23.48 29.44
C HIS B 148 23.52 23.66 28.49
N VAL B 149 22.31 23.41 29.01
CA VAL B 149 21.04 23.51 28.28
C VAL B 149 20.01 24.23 29.13
N LEU B 150 19.00 24.79 28.47
CA LEU B 150 17.89 25.46 29.14
C LEU B 150 16.99 24.50 29.92
N ASP B 151 16.88 23.26 29.46
CA ASP B 151 15.85 22.32 29.94
C ASP B 151 16.46 20.99 30.40
N PRO B 152 17.30 21.01 31.46
CA PRO B 152 18.03 19.79 31.81
C PRO B 152 17.15 18.60 32.17
N GLU B 153 15.93 18.84 32.66
CA GLU B 153 14.92 17.77 33.00
C GLU B 153 14.65 16.74 31.93
N ARG B 154 14.89 17.09 30.66
CA ARG B 154 14.68 16.13 29.58
C ARG B 154 15.79 15.11 29.48
N TYR B 155 16.89 15.30 30.21
CA TYR B 155 18.12 14.58 29.93
C TYR B 155 18.66 13.84 31.15
N GLY B 156 19.79 13.17 30.94
CA GLY B 156 20.65 12.69 32.05
C GLY B 156 21.41 13.89 32.56
N VAL B 157 21.27 14.20 33.85
CA VAL B 157 21.78 15.46 34.41
C VAL B 157 22.97 15.20 35.35
N VAL B 158 24.05 15.93 35.15
CA VAL B 158 25.28 15.77 35.91
C VAL B 158 25.34 16.81 37.04
N GLU B 159 25.53 16.36 38.27
CA GLU B 159 25.86 17.27 39.37
C GLU B 159 27.35 17.25 39.67
N PHE B 160 27.89 18.46 39.85
CA PHE B 160 29.28 18.72 40.15
C PHE B 160 29.44 19.28 41.57
N ASP B 161 30.54 18.96 42.26
CA ASP B 161 30.88 19.62 43.55
C ASP B 161 31.62 20.92 43.28
N GLN B 162 32.07 21.62 44.32
CA GLN B 162 32.72 22.94 44.11
C GLN B 162 34.06 22.89 43.37
N GLY B 163 34.73 21.74 43.39
CA GLY B 163 35.97 21.57 42.62
C GLY B 163 35.76 21.18 41.16
N GLY B 164 34.52 21.22 40.70
CA GLY B 164 34.21 20.77 39.34
C GLY B 164 34.19 19.25 39.13
N LYS B 165 34.06 18.45 40.21
CA LYS B 165 34.02 16.97 40.07
C LYS B 165 32.57 16.47 39.96
N ALA B 166 32.31 15.58 39.00
CA ALA B 166 30.99 14.96 38.86
C ALA B 166 30.74 14.00 40.04
N ILE B 167 29.65 14.22 40.76
CA ILE B 167 29.29 13.44 41.95
C ILE B 167 27.95 12.70 41.89
N SER B 168 27.08 13.05 40.94
CA SER B 168 25.85 12.29 40.64
C SER B 168 25.32 12.44 39.19
N LEU B 169 24.59 11.42 38.76
CA LEU B 169 23.80 11.43 37.53
C LEU B 169 22.37 11.09 37.87
N GLU B 170 21.43 11.87 37.35
CA GLU B 170 20.00 11.59 37.46
C GLU B 170 19.36 11.66 36.07
N GLU B 171 18.59 10.63 35.74
CA GLU B 171 17.88 10.57 34.48
C GLU B 171 16.55 11.31 34.63
N LYS B 172 16.34 12.33 33.80
CA LYS B 172 15.09 13.09 33.77
C LYS B 172 14.58 13.49 35.16
N PRO B 173 15.44 14.13 35.97
CA PRO B 173 14.98 14.50 37.31
C PRO B 173 13.88 15.58 37.31
N LEU B 174 12.98 15.55 38.29
CA LEU B 174 11.97 16.61 38.44
C LEU B 174 12.55 17.92 38.98
N GLU B 175 13.61 17.84 39.78
CA GLU B 175 14.33 19.01 40.29
C GLU B 175 15.83 18.84 39.95
N PRO B 176 16.21 19.17 38.70
CA PRO B 176 17.58 18.94 38.23
C PRO B 176 18.60 19.63 39.12
N LYS B 177 19.76 19.01 39.29
CA LYS B 177 20.77 19.52 40.23
C LYS B 177 21.63 20.59 39.59
N SER B 178 21.69 20.60 38.26
CA SER B 178 22.36 21.64 37.53
C SER B 178 21.65 21.76 36.20
N ASN B 179 22.19 22.58 35.30
CA ASN B 179 21.69 22.69 33.92
C ASN B 179 22.60 21.96 32.93
N TYR B 180 23.39 21.00 33.45
CA TYR B 180 24.33 20.22 32.64
C TYR B 180 23.75 18.86 32.28
N ALA B 181 23.60 18.64 30.95
CA ALA B 181 22.96 17.47 30.39
C ALA B 181 24.02 16.64 29.71
N VAL B 182 23.91 15.32 29.87
CA VAL B 182 24.82 14.41 29.19
C VAL B 182 24.40 14.38 27.73
N THR B 183 25.33 14.63 26.81
CA THR B 183 25.02 14.59 25.36
C THR B 183 24.87 13.12 24.89
N GLY B 184 24.34 12.93 23.69
CA GLY B 184 24.17 11.56 23.15
C GLY B 184 25.42 11.01 22.45
N LEU B 185 26.57 11.13 23.11
CA LEU B 185 27.84 10.64 22.59
C LEU B 185 28.61 10.04 23.75
N TYR B 186 28.87 8.73 23.66
CA TYR B 186 29.40 7.94 24.77
C TYR B 186 30.53 6.99 24.30
N PHE B 187 31.67 7.06 25.01
CA PHE B 187 32.84 6.21 24.78
C PHE B 187 33.01 5.27 25.98
N TYR B 188 33.28 3.99 25.69
CA TYR B 188 33.30 2.96 26.72
C TYR B 188 34.44 2.03 26.48
N ASP B 189 34.92 1.42 27.58
CA ASP B 189 35.94 0.40 27.52
C ASP B 189 35.28 -0.98 27.35
N GLN B 190 36.04 -2.05 27.58
CA GLN B 190 35.53 -3.42 27.53
C GLN B 190 34.53 -3.81 28.64
N GLN B 191 34.18 -2.92 29.55
CA GLN B 191 33.24 -3.26 30.64
C GLN B 191 31.76 -2.99 30.34
N VAL B 192 31.46 -2.18 29.33
CA VAL B 192 30.07 -1.72 29.16
C VAL B 192 29.09 -2.88 28.89
N VAL B 193 29.51 -3.85 28.08
CA VAL B 193 28.63 -4.98 27.73
C VAL B 193 28.21 -5.70 29.01
N ASP B 194 29.18 -6.11 29.84
CA ASP B 194 28.89 -6.78 31.13
C ASP B 194 28.05 -5.96 32.10
N ILE B 195 28.23 -4.65 32.09
CA ILE B 195 27.44 -3.74 32.92
C ILE B 195 26.04 -3.68 32.35
N ALA B 196 25.92 -3.56 31.03
CA ALA B 196 24.59 -3.54 30.36
C ALA B 196 23.79 -4.80 30.63
N ARG B 197 24.45 -5.95 30.57
CA ARG B 197 23.81 -7.25 30.81
C ARG B 197 23.23 -7.39 32.21
N ASP B 198 23.83 -6.76 33.23
CA ASP B 198 23.28 -6.79 34.62
C ASP B 198 22.23 -5.72 34.91
N LEU B 199 21.95 -4.80 33.97
CA LEU B 199 20.95 -3.76 34.24
C LEU B 199 19.56 -4.37 34.43
N LYS B 200 18.81 -3.78 35.36
CA LYS B 200 17.39 -4.06 35.56
C LYS B 200 16.61 -2.90 34.93
N PRO B 201 15.41 -3.15 34.34
CA PRO B 201 14.61 -2.03 33.83
C PRO B 201 14.25 -1.01 34.88
N SER B 202 14.18 0.26 34.47
CA SER B 202 13.80 1.38 35.33
C SER B 202 12.28 1.37 35.56
N PRO B 203 11.73 2.28 36.42
CA PRO B 203 10.27 2.40 36.65
C PRO B 203 9.37 2.48 35.40
N ARG B 204 9.65 3.39 34.47
CA ARG B 204 8.93 3.43 33.18
C ARG B 204 9.28 2.32 32.17
N GLY B 205 10.27 1.48 32.50
CA GLY B 205 10.49 0.20 31.82
C GLY B 205 11.58 0.20 30.75
N GLU B 206 12.70 0.88 31.04
CA GLU B 206 13.80 1.01 30.08
C GLU B 206 15.14 0.60 30.68
N LEU B 207 16.01 0.05 29.85
CA LEU B 207 17.41 -0.14 30.18
C LEU B 207 18.14 1.19 29.95
N GLU B 208 18.39 1.90 31.04
CA GLU B 208 18.85 3.30 31.02
C GLU B 208 20.36 3.39 30.77
N ILE B 209 20.76 4.16 29.75
CA ILE B 209 22.18 4.48 29.58
C ILE B 209 22.71 5.17 30.84
N THR B 210 21.88 5.94 31.53
CA THR B 210 22.31 6.63 32.75
C THR B 210 22.76 5.66 33.83
N ASP B 211 22.10 4.51 33.96
CA ASP B 211 22.55 3.47 34.91
C ASP B 211 23.90 2.92 34.50
N VAL B 212 24.12 2.74 33.20
CA VAL B 212 25.44 2.36 32.72
C VAL B 212 26.50 3.37 33.21
N ASN B 213 26.24 4.66 32.96
CA ASN B 213 27.20 5.71 33.29
C ASN B 213 27.41 5.88 34.81
N ARG B 214 26.32 5.72 35.58
CA ARG B 214 26.43 5.71 37.05
C ARG B 214 27.32 4.55 37.56
N ALA B 215 27.27 3.40 36.91
CA ALA B 215 28.14 2.26 37.29
C ALA B 215 29.59 2.61 37.10
N TYR B 216 29.95 3.32 36.02
CA TYR B 216 31.33 3.85 35.91
C TYR B 216 31.61 4.95 36.95
N LEU B 217 30.66 5.84 37.19
CA LEU B 217 30.85 6.91 38.19
C LEU B 217 31.19 6.35 39.59
N GLU B 218 30.40 5.37 40.04
CA GLU B 218 30.61 4.69 41.33
C GLU B 218 32.00 4.03 41.50
N ARG B 219 32.57 3.50 40.42
CA ARG B 219 33.97 3.00 40.42
C ARG B 219 35.01 4.10 40.13
N GLY B 220 34.61 5.37 40.12
CA GLY B 220 35.51 6.47 39.82
C GLY B 220 36.02 6.48 38.37
N GLN B 221 35.32 5.80 37.47
CA GLN B 221 35.84 5.54 36.11
C GLN B 221 35.10 6.31 34.99
N LEU B 222 34.26 7.29 35.38
CA LEU B 222 33.54 8.13 34.41
C LEU B 222 34.21 9.47 34.26
N SER B 223 34.85 9.69 33.12
CA SER B 223 35.34 11.00 32.76
C SER B 223 34.18 11.83 32.22
N VAL B 224 33.77 12.87 32.95
CA VAL B 224 32.80 13.84 32.46
C VAL B 224 33.52 15.09 31.99
N GLU B 225 33.61 15.30 30.69
CA GLU B 225 34.20 16.50 30.14
C GLU B 225 33.12 17.49 29.76
N ILE B 226 33.38 18.76 30.03
CA ILE B 226 32.49 19.82 29.58
C ILE B 226 32.62 19.97 28.07
N MET B 227 31.48 19.96 27.39
CA MET B 227 31.39 20.40 26.02
C MET B 227 30.99 21.87 26.14
N GLY B 228 31.94 22.76 25.86
CA GLY B 228 31.74 24.20 26.00
C GLY B 228 30.62 24.86 25.20
N ARG B 229 30.25 26.07 25.63
CA ARG B 229 29.20 26.84 24.98
C ARG B 229 29.51 27.25 23.53
N GLY B 230 30.77 27.18 23.16
CA GLY B 230 31.17 27.38 21.78
C GLY B 230 30.86 26.23 20.84
N TYR B 231 30.45 25.08 21.37
CA TYR B 231 29.96 23.98 20.54
C TYR B 231 28.45 24.10 20.46
N ALA B 232 27.92 23.75 19.30
CA ALA B 232 26.52 23.59 19.11
C ALA B 232 26.22 22.09 19.20
N TRP B 233 25.46 21.69 20.22
CA TRP B 233 24.77 20.41 20.28
C TRP B 233 23.28 20.73 19.99
N LEU B 234 22.81 20.35 18.81
CA LEU B 234 21.45 20.73 18.40
C LEU B 234 20.37 19.69 18.72
N ASP B 235 19.21 20.26 18.97
CA ASP B 235 18.03 19.59 19.45
C ASP B 235 17.24 19.15 18.19
N THR B 236 16.93 17.85 18.07
CA THR B 236 15.94 17.35 17.09
C THR B 236 14.69 16.69 17.74
N GLY B 237 14.40 17.02 19.00
CA GLY B 237 13.32 16.38 19.75
C GLY B 237 11.90 16.82 19.43
N THR B 238 11.75 18.01 18.85
CA THR B 238 10.45 18.59 18.52
C THR B 238 10.48 19.09 17.06
N HIS B 239 9.30 19.37 16.51
CA HIS B 239 9.19 19.87 15.15
C HIS B 239 9.89 21.20 15.04
N ASP B 240 9.67 22.05 16.04
CA ASP B 240 10.32 23.36 16.14
C ASP B 240 11.83 23.26 16.17
N SER B 241 12.36 22.30 16.93
CA SER B 241 13.81 22.13 17.04
C SER B 241 14.42 21.48 15.81
N LEU B 242 13.69 20.57 15.16
CA LEU B 242 14.18 19.95 13.92
C LEU B 242 14.38 21.03 12.83
N LEU B 243 13.51 22.03 12.87
CA LEU B 243 13.52 23.17 11.96
C LEU B 243 14.68 24.14 12.20
N GLU B 244 14.87 24.52 13.46
CA GLU B 244 16.04 25.28 13.91
C GLU B 244 17.37 24.64 13.48
N ALA B 245 17.43 23.31 13.57
CA ALA B 245 18.64 22.61 13.20
C ALA B 245 18.94 22.80 11.72
N GLY B 246 17.90 22.63 10.88
CA GLY B 246 17.98 22.87 9.44
C GLY B 246 18.46 24.25 9.07
N GLN B 247 17.88 25.25 9.71
CA GLN B 247 18.25 26.64 9.54
CA GLN B 247 18.27 26.66 9.51
C GLN B 247 19.70 26.91 10.00
N PHE B 248 20.12 26.23 11.05
CA PHE B 248 21.45 26.38 11.58
C PHE B 248 22.47 25.83 10.56
N ILE B 249 22.25 24.62 10.06
CA ILE B 249 23.17 24.03 9.11
C ILE B 249 23.24 24.87 7.85
N ALA B 250 22.09 25.28 7.32
CA ALA B 250 22.00 26.11 6.12
C ALA B 250 22.75 27.44 6.23
N THR B 251 22.59 28.12 7.36
CA THR B 251 23.30 29.35 7.62
C THR B 251 24.85 29.14 7.61
N LEU B 252 25.34 28.05 8.21
CA LEU B 252 26.77 27.73 8.17
C LEU B 252 27.28 27.38 6.79
N GLU B 253 26.55 26.52 6.09
CA GLU B 253 26.97 26.06 4.76
C GLU B 253 26.86 27.14 3.66
N ASN B 254 25.85 28.00 3.70
CA ASN B 254 25.73 29.06 2.71
C ASN B 254 26.73 30.22 2.91
N ARG B 255 27.12 30.43 4.17
CA ARG B 255 28.13 31.42 4.54
C ARG B 255 29.51 30.96 4.08
N GLN B 256 29.82 29.69 4.34
CA GLN B 256 31.16 29.13 4.15
C GLN B 256 31.50 28.61 2.75
N GLY B 257 30.50 28.24 1.96
CA GLY B 257 30.72 27.30 0.84
C GLY B 257 31.34 25.99 1.29
N LEU B 258 31.11 25.58 2.54
CA LEU B 258 31.61 24.33 3.09
C LEU B 258 30.45 23.63 3.78
N LYS B 259 30.50 22.29 3.82
CA LYS B 259 29.46 21.48 4.42
C LYS B 259 29.83 20.98 5.79
N VAL B 260 28.81 20.89 6.64
CA VAL B 260 28.90 20.23 7.92
C VAL B 260 28.48 18.78 7.71
N ALA B 261 29.29 17.86 8.22
CA ALA B 261 28.97 16.43 8.33
C ALA B 261 28.64 15.74 7.00
N CYS B 262 29.49 16.00 6.01
CA CYS B 262 29.51 15.32 4.73
C CYS B 262 30.39 14.08 4.81
N PRO B 263 29.79 12.87 4.88
CA PRO B 263 30.60 11.69 5.14
C PRO B 263 31.73 11.48 4.14
N GLU B 264 31.46 11.75 2.87
CA GLU B 264 32.45 11.54 1.83
C GLU B 264 33.67 12.43 2.06
N GLU B 265 33.46 13.70 2.42
CA GLU B 265 34.56 14.61 2.73
C GLU B 265 35.38 14.09 3.92
N ILE B 266 34.69 13.60 4.95
CA ILE B 266 35.37 13.18 6.14
C ILE B 266 36.24 11.98 5.86
N ALA B 267 35.67 10.99 5.17
CA ALA B 267 36.46 9.87 4.73
C ALA B 267 37.69 10.34 3.95
N TYR B 268 37.50 11.29 3.03
CA TYR B 268 38.60 11.77 2.20
C TYR B 268 39.69 12.46 3.03
N ARG B 269 39.30 13.22 4.05
CA ARG B 269 40.29 13.92 4.85
C ARG B 269 41.02 12.97 5.79
N GLN B 270 40.30 11.98 6.33
CA GLN B 270 40.91 10.84 7.03
C GLN B 270 41.83 9.96 6.15
N LYS B 271 41.69 10.08 4.83
CA LYS B 271 42.49 9.35 3.84
C LYS B 271 42.08 7.88 3.79
N TRP B 272 40.82 7.62 4.15
CA TRP B 272 40.22 6.30 4.06
C TRP B 272 39.78 6.03 2.64
N ILE B 273 39.54 7.08 1.86
CA ILE B 273 39.37 6.97 0.40
C ILE B 273 40.30 7.97 -0.27
N ASP B 274 40.64 7.71 -1.54
CA ASP B 274 41.56 8.55 -2.34
C ASP B 274 40.82 9.37 -3.41
N ALA B 275 41.56 10.24 -4.10
CA ALA B 275 40.99 11.22 -5.06
C ALA B 275 40.20 10.59 -6.19
N ALA B 276 40.69 9.45 -6.67
CA ALA B 276 40.00 8.66 -7.67
C ALA B 276 38.64 8.19 -7.14
N GLN B 277 38.60 7.61 -5.93
CA GLN B 277 37.33 7.12 -5.36
C GLN B 277 36.36 8.26 -5.07
N LEU B 278 36.83 9.32 -4.43
CA LEU B 278 35.99 10.51 -4.26
C LEU B 278 35.41 11.03 -5.60
N GLU B 279 36.22 11.02 -6.65
CA GLU B 279 35.78 11.46 -7.97
C GLU B 279 34.60 10.65 -8.52
N LYS B 280 34.65 9.33 -8.31
CA LYS B 280 33.56 8.44 -8.67
C LYS B 280 32.29 8.74 -7.90
N LEU B 281 32.42 9.03 -6.61
CA LEU B 281 31.27 9.34 -5.77
C LEU B 281 30.57 10.63 -6.22
N ALA B 282 31.35 11.58 -6.73
CA ALA B 282 30.81 12.84 -7.26
C ALA B 282 30.02 12.70 -8.55
N ALA B 283 30.15 11.57 -9.23
CA ALA B 283 29.54 11.34 -10.56
C ALA B 283 28.01 11.27 -10.52
N PRO B 284 27.43 10.33 -9.73
CA PRO B 284 25.95 10.20 -9.79
C PRO B 284 25.18 11.45 -9.39
N LEU B 285 25.79 12.29 -8.54
CA LEU B 285 25.21 13.55 -8.13
C LEU B 285 25.79 14.79 -8.86
N ALA B 286 26.47 14.60 -10.01
CA ALA B 286 27.19 15.70 -10.70
C ALA B 286 26.31 16.92 -11.07
N LYS B 287 25.03 16.68 -11.31
CA LYS B 287 24.09 17.73 -11.73
C LYS B 287 23.50 18.53 -10.56
N ASN B 288 23.69 18.09 -9.32
CA ASN B 288 23.26 18.90 -8.17
C ASN B 288 24.44 19.44 -7.35
N GLY B 289 24.13 20.26 -6.36
CA GLY B 289 25.13 20.90 -5.53
C GLY B 289 25.96 19.95 -4.72
N TYR B 290 25.41 18.80 -4.34
CA TYR B 290 26.13 17.90 -3.46
C TYR B 290 27.28 17.26 -4.23
N GLY B 291 27.01 16.75 -5.43
CA GLY B 291 28.06 16.24 -6.29
C GLY B 291 29.06 17.33 -6.71
N GLN B 292 28.55 18.53 -6.93
CA GLN B 292 29.43 19.66 -7.29
C GLN B 292 30.39 19.96 -6.16
N TYR B 293 29.86 19.95 -4.93
CA TYR B 293 30.69 20.09 -3.74
C TYR B 293 31.81 19.10 -3.70
N LEU B 294 31.48 17.83 -3.86
CA LEU B 294 32.47 16.75 -3.79
C LEU B 294 33.55 16.86 -4.85
N LYS B 295 33.17 17.17 -6.09
CA LYS B 295 34.11 17.46 -7.18
C LYS B 295 35.04 18.62 -6.79
N ARG B 296 34.48 19.71 -6.24
CA ARG B 296 35.31 20.85 -5.78
C ARG B 296 36.35 20.45 -4.72
N LEU B 297 36.01 19.51 -3.84
CA LEU B 297 36.96 19.03 -2.82
C LEU B 297 38.23 18.39 -3.40
N LEU B 298 38.19 17.90 -4.63
CA LEU B 298 39.38 17.29 -5.27
C LEU B 298 40.51 18.28 -5.54
N THR B 299 40.19 19.52 -5.91
CA THR B 299 41.17 20.53 -6.35
C THR B 299 41.38 21.74 -5.44
N GLU B 300 40.60 21.87 -4.38
CA GLU B 300 40.67 23.00 -3.46
C GLU B 300 41.32 22.55 -2.16
N THR B 301 42.20 23.39 -1.62
CA THR B 301 42.82 23.18 -0.31
C THR B 301 41.97 23.93 0.70
N VAL B 302 41.41 23.18 1.65
CA VAL B 302 40.58 23.73 2.71
C VAL B 302 41.31 23.44 4.00
N TYR B 303 41.68 24.47 4.74
CA TYR B 303 42.45 24.31 5.97
C TYR B 303 41.53 23.92 7.11
N HIS C 4 34.79 -7.31 3.15
CA HIS C 4 34.75 -7.98 4.50
C HIS C 4 33.45 -8.77 4.73
N HIS C 5 33.56 -10.00 5.24
CA HIS C 5 32.41 -10.86 5.61
C HIS C 5 32.25 -10.93 7.14
N HIS C 6 30.98 -11.03 7.61
CA HIS C 6 30.62 -11.25 9.02
C HIS C 6 29.51 -12.30 9.13
N LYS C 12 23.30 -15.65 2.25
CA LYS C 12 21.90 -15.22 2.33
C LYS C 12 21.15 -15.21 0.99
N ARG C 13 19.85 -15.52 1.07
CA ARG C 13 19.04 -15.90 -0.12
C ARG C 13 17.82 -15.03 -0.20
N LYS C 14 17.59 -14.40 -1.35
CA LYS C 14 16.45 -13.50 -1.53
C LYS C 14 15.41 -14.23 -2.34
N GLY C 15 14.16 -13.81 -2.22
CA GLY C 15 13.04 -14.47 -2.90
C GLY C 15 12.42 -13.61 -3.98
N ILE C 16 11.90 -14.24 -5.02
CA ILE C 16 11.12 -13.54 -6.04
C ILE C 16 9.84 -14.31 -6.27
N ILE C 17 8.71 -13.62 -6.18
CA ILE C 17 7.41 -14.15 -6.60
C ILE C 17 7.03 -13.45 -7.89
N LEU C 18 6.85 -14.25 -8.93
CA LEU C 18 6.39 -13.76 -10.20
C LEU C 18 4.88 -13.91 -10.24
N ALA C 19 4.17 -12.79 -10.05
CA ALA C 19 2.72 -12.72 -10.06
C ALA C 19 2.25 -11.84 -11.22
N GLY C 20 2.49 -12.32 -12.44
CA GLY C 20 2.33 -11.53 -13.64
C GLY C 20 0.97 -11.66 -14.29
N GLY C 21 0.85 -11.03 -15.45
CA GLY C 21 -0.39 -11.05 -16.22
C GLY C 21 -0.69 -12.45 -16.69
N SER C 22 -1.88 -12.98 -16.31
CA SER C 22 -2.44 -14.22 -16.89
C SER C 22 -3.25 -13.93 -18.19
N GLY C 23 -2.88 -12.84 -18.87
CA GLY C 23 -3.61 -12.30 -19.99
C GLY C 23 -5.11 -12.30 -19.78
N THR C 24 -5.80 -12.83 -20.78
CA THR C 24 -7.24 -12.86 -20.83
C THR C 24 -7.76 -14.29 -20.64
N ARG C 25 -6.88 -15.21 -20.24
CA ARG C 25 -7.19 -16.65 -20.24
C ARG C 25 -8.32 -17.01 -19.25
N LEU C 26 -8.37 -16.33 -18.10
CA LEU C 26 -9.36 -16.62 -17.05
C LEU C 26 -10.48 -15.56 -16.97
N HIS C 27 -10.59 -14.74 -18.01
CA HIS C 27 -11.66 -13.74 -18.09
C HIS C 27 -13.01 -14.46 -18.18
N PRO C 28 -14.09 -13.87 -17.68
CA PRO C 28 -14.15 -12.53 -17.11
C PRO C 28 -13.78 -12.39 -15.61
N ALA C 29 -13.65 -13.50 -14.87
CA ALA C 29 -13.27 -13.49 -13.45
C ALA C 29 -12.10 -12.55 -13.16
N THR C 30 -11.09 -12.60 -14.01
CA THR C 30 -9.89 -11.77 -13.86
C THR C 30 -9.96 -10.36 -14.49
N LEU C 31 -11.11 -9.93 -15.02
CA LEU C 31 -11.34 -8.51 -15.35
C LEU C 31 -11.40 -7.66 -14.09
N ALA C 32 -11.99 -8.19 -13.02
CA ALA C 32 -12.08 -7.46 -11.75
C ALA C 32 -10.75 -7.32 -11.03
N ILE C 33 -9.98 -8.41 -10.92
CA ILE C 33 -8.67 -8.40 -10.23
C ILE C 33 -7.74 -9.50 -10.73
N SER C 34 -6.43 -9.24 -10.65
CA SER C 34 -5.41 -10.21 -11.16
C SER C 34 -5.55 -11.58 -10.54
N LYS C 35 -5.09 -12.57 -11.32
CA LYS C 35 -5.18 -13.98 -10.97
C LYS C 35 -4.69 -14.26 -9.55
N GLN C 36 -3.50 -13.75 -9.21
CA GLN C 36 -2.85 -14.10 -7.95
C GLN C 36 -3.45 -13.31 -6.78
N LEU C 37 -4.46 -12.46 -7.03
CA LEU C 37 -5.32 -11.92 -5.99
C LEU C 37 -6.63 -12.66 -5.75
N LEU C 38 -7.01 -13.55 -6.64
CA LEU C 38 -8.19 -14.39 -6.45
C LEU C 38 -7.94 -15.33 -5.29
N PRO C 39 -8.97 -15.60 -4.48
CA PRO C 39 -8.71 -16.48 -3.33
C PRO C 39 -8.67 -17.94 -3.72
N VAL C 40 -7.92 -18.71 -2.95
CA VAL C 40 -8.00 -20.16 -2.95
C VAL C 40 -8.59 -20.56 -1.58
N TYR C 41 -9.85 -21.00 -1.60
CA TYR C 41 -10.71 -21.10 -0.39
C TYR C 41 -10.86 -19.75 0.35
N ASP C 42 -10.04 -19.48 1.36
CA ASP C 42 -10.21 -18.35 2.28
C ASP C 42 -9.11 -17.28 2.22
N LYS C 43 -8.10 -17.43 1.39
CA LYS C 43 -6.99 -16.50 1.40
C LYS C 43 -6.51 -16.22 -0.05
N PRO C 44 -6.06 -15.00 -0.33
CA PRO C 44 -5.58 -14.67 -1.70
C PRO C 44 -4.49 -15.63 -2.20
N MET C 45 -4.52 -15.97 -3.49
CA MET C 45 -3.61 -17.00 -4.03
C MET C 45 -2.13 -16.74 -3.69
N ILE C 46 -1.74 -15.48 -3.67
CA ILE C 46 -0.37 -15.15 -3.40
C ILE C 46 0.09 -15.54 -2.00
N TYR C 47 -0.82 -15.61 -1.03
CA TYR C 47 -0.48 -16.15 0.30
C TYR C 47 0.26 -17.52 0.27
N TYR C 48 -0.06 -18.35 -0.73
CA TYR C 48 0.49 -19.71 -0.80
C TYR C 48 1.98 -19.75 -1.19
N PRO C 49 2.37 -19.12 -2.33
CA PRO C 49 3.82 -19.01 -2.61
C PRO C 49 4.59 -18.13 -1.67
N LEU C 50 3.95 -17.11 -1.13
CA LEU C 50 4.61 -16.24 -0.16
C LEU C 50 5.00 -17.07 1.05
N SER C 51 4.04 -17.86 1.53
CA SER C 51 4.24 -18.78 2.66
C SER C 51 5.29 -19.84 2.36
N THR C 52 5.34 -20.29 1.11
CA THR C 52 6.33 -21.25 0.67
C THR C 52 7.76 -20.69 0.81
N LEU C 53 7.98 -19.47 0.29
CA LEU C 53 9.25 -18.81 0.46
C LEU C 53 9.59 -18.58 1.93
N MET C 54 8.58 -18.20 2.72
CA MET C 54 8.81 -18.01 4.15
C MET C 54 9.26 -19.30 4.84
N LEU C 55 8.63 -20.41 4.45
CA LEU C 55 8.97 -21.72 5.03
C LEU C 55 10.43 -22.13 4.72
N ALA C 56 10.90 -21.72 3.55
CA ALA C 56 12.32 -21.81 3.18
C ALA C 56 13.24 -20.81 3.92
N GLY C 57 12.72 -20.00 4.83
CA GLY C 57 13.53 -19.08 5.60
C GLY C 57 13.83 -17.79 4.88
N ILE C 58 13.14 -17.50 3.79
CA ILE C 58 13.45 -16.30 3.00
C ILE C 58 12.56 -15.19 3.56
N ARG C 59 13.18 -14.07 3.89
CA ARG C 59 12.48 -12.90 4.43
C ARG C 59 12.45 -11.73 3.46
N GLU C 60 13.42 -11.64 2.57
CA GLU C 60 13.55 -10.50 1.66
C GLU C 60 13.09 -10.93 0.28
N ILE C 61 11.95 -10.39 -0.15
CA ILE C 61 11.21 -10.91 -1.30
C ILE C 61 10.78 -9.80 -2.23
N LEU C 62 11.02 -10.00 -3.54
CA LEU C 62 10.56 -9.10 -4.61
C LEU C 62 9.34 -9.66 -5.32
N ILE C 63 8.29 -8.85 -5.42
CA ILE C 63 7.04 -9.26 -6.05
C ILE C 63 6.97 -8.52 -7.36
N ILE C 64 6.95 -9.31 -8.44
CA ILE C 64 6.87 -8.82 -9.81
C ILE C 64 5.43 -9.02 -10.34
N SER C 65 4.77 -7.93 -10.71
CA SER C 65 3.45 -7.96 -11.28
C SER C 65 3.32 -6.84 -12.29
N THR C 66 2.15 -6.71 -12.89
CA THR C 66 1.96 -5.71 -13.94
C THR C 66 1.87 -4.31 -13.29
N PRO C 67 2.13 -3.25 -14.08
CA PRO C 67 1.96 -1.90 -13.51
C PRO C 67 0.60 -1.72 -12.83
N GLN C 68 -0.45 -2.25 -13.44
CA GLN C 68 -1.80 -2.13 -12.90
C GLN C 68 -1.95 -2.83 -11.58
N ASP C 69 -1.33 -4.01 -11.46
CA ASP C 69 -1.58 -4.89 -10.31
C ASP C 69 -0.70 -4.62 -9.13
N THR C 70 0.48 -4.06 -9.38
CA THR C 70 1.43 -3.68 -8.33
C THR C 70 0.76 -3.00 -7.14
N PRO C 71 -0.03 -1.93 -7.36
CA PRO C 71 -0.67 -1.24 -6.24
C PRO C 71 -1.60 -2.13 -5.41
N ARG C 72 -2.24 -3.09 -6.06
CA ARG C 72 -3.20 -3.96 -5.42
C ARG C 72 -2.49 -4.98 -4.51
N PHE C 73 -1.41 -5.59 -4.99
CA PHE C 73 -0.55 -6.42 -4.14
C PHE C 73 0.01 -5.60 -2.98
N GLN C 74 0.42 -4.39 -3.28
CA GLN C 74 1.00 -3.51 -2.25
C GLN C 74 -0.01 -3.21 -1.14
N GLN C 75 -1.26 -3.04 -1.53
CA GLN C 75 -2.34 -2.77 -0.63
C GLN C 75 -2.61 -3.99 0.23
N LEU C 76 -2.56 -5.19 -0.37
CA LEU C 76 -2.75 -6.41 0.40
C LEU C 76 -1.62 -6.68 1.38
N LEU C 77 -0.39 -6.62 0.90
CA LEU C 77 0.78 -7.08 1.65
C LEU C 77 1.61 -5.97 2.30
N GLY C 78 1.62 -4.75 1.75
CA GLY C 78 2.46 -3.67 2.31
C GLY C 78 3.93 -4.02 2.15
N ASP C 79 4.78 -3.57 3.07
CA ASP C 79 6.23 -3.83 2.96
C ASP C 79 6.67 -5.10 3.67
N GLY C 80 5.71 -5.81 4.26
CA GLY C 80 6.00 -7.08 4.91
C GLY C 80 6.39 -6.97 6.36
N SER C 81 6.70 -5.76 6.85
CA SER C 81 7.30 -5.58 8.17
C SER C 81 6.41 -6.03 9.33
N ASN C 82 5.10 -6.05 9.12
CA ASN C 82 4.20 -6.65 10.11
C ASN C 82 4.37 -8.17 10.31
N TRP C 83 4.94 -8.83 9.29
CA TRP C 83 5.16 -10.25 9.33
C TRP C 83 6.65 -10.58 9.41
N GLY C 84 7.46 -9.59 9.76
CA GLY C 84 8.90 -9.77 9.86
C GLY C 84 9.62 -9.93 8.54
N LEU C 85 9.03 -9.43 7.45
CA LEU C 85 9.59 -9.56 6.11
C LEU C 85 9.91 -8.17 5.56
N ASP C 86 10.68 -8.16 4.47
CA ASP C 86 11.00 -6.98 3.72
C ASP C 86 10.57 -7.26 2.28
N LEU C 87 9.31 -6.92 1.97
CA LEU C 87 8.77 -7.11 0.63
C LEU C 87 9.03 -5.87 -0.20
N GLN C 88 9.58 -6.06 -1.37
CA GLN C 88 9.70 -5.02 -2.37
C GLN C 88 8.95 -5.42 -3.63
N TYR C 89 8.84 -4.48 -4.55
CA TYR C 89 7.94 -4.61 -5.66
C TYR C 89 8.58 -4.07 -6.92
N ALA C 90 8.32 -4.73 -8.03
CA ALA C 90 8.80 -4.26 -9.32
C ALA C 90 7.73 -4.60 -10.35
N VAL C 91 7.66 -3.78 -11.41
CA VAL C 91 6.66 -3.94 -12.48
C VAL C 91 7.24 -4.78 -13.60
N GLN C 92 6.43 -5.66 -14.18
CA GLN C 92 6.75 -6.29 -15.45
C GLN C 92 5.82 -5.67 -16.47
N PRO C 93 6.34 -4.78 -17.33
CA PRO C 93 5.45 -4.16 -18.32
C PRO C 93 4.73 -5.17 -19.22
N SER C 94 5.42 -6.24 -19.60
CA SER C 94 4.96 -7.16 -20.65
C SER C 94 5.22 -8.63 -20.27
N PRO C 95 4.34 -9.57 -20.69
CA PRO C 95 4.56 -10.98 -20.30
C PRO C 95 5.59 -11.73 -21.17
N ASP C 96 6.86 -11.35 -21.05
CA ASP C 96 7.93 -11.81 -21.95
C ASP C 96 8.69 -13.02 -21.43
N GLY C 97 8.05 -13.86 -20.63
CA GLY C 97 8.69 -15.07 -20.14
C GLY C 97 9.19 -14.94 -18.72
N LEU C 98 9.30 -16.10 -18.05
CA LEU C 98 9.55 -16.17 -16.63
C LEU C 98 10.99 -15.77 -16.29
N ALA C 99 11.94 -16.05 -17.17
CA ALA C 99 13.35 -15.74 -16.90
C ALA C 99 13.62 -14.23 -16.78
N GLN C 100 12.75 -13.40 -17.36
CA GLN C 100 12.84 -11.95 -17.25
C GLN C 100 12.85 -11.48 -15.82
N ALA C 101 12.18 -12.21 -14.93
CA ALA C 101 12.29 -12.00 -13.48
C ALA C 101 13.72 -11.64 -13.00
N PHE C 102 14.74 -12.29 -13.55
CA PHE C 102 16.13 -12.08 -13.13
C PHE C 102 16.77 -10.80 -13.67
N LEU C 103 16.28 -10.31 -14.80
CA LEU C 103 16.69 -9.01 -15.33
C LEU C 103 15.94 -7.88 -14.64
N ILE C 104 14.63 -8.04 -14.46
CA ILE C 104 13.84 -7.12 -13.64
C ILE C 104 14.36 -7.10 -12.19
N GLY C 105 14.72 -8.28 -11.68
CA GLY C 105 15.11 -8.39 -10.27
C GLY C 105 16.59 -8.23 -10.03
N GLU C 106 17.32 -7.73 -11.04
CA GLU C 106 18.77 -7.73 -11.03
C GLU C 106 19.36 -6.99 -9.88
N SER C 107 18.95 -5.74 -9.68
CA SER C 107 19.53 -4.95 -8.60
C SER C 107 19.03 -5.45 -7.26
N PHE C 108 17.81 -5.99 -7.22
CA PHE C 108 17.30 -6.60 -6.01
C PHE C 108 18.15 -7.80 -5.59
N ILE C 109 18.50 -8.66 -6.55
CA ILE C 109 19.31 -9.85 -6.24
C ILE C 109 20.71 -9.45 -5.76
N GLY C 110 21.32 -8.50 -6.46
CA GLY C 110 22.64 -8.03 -6.13
C GLY C 110 23.62 -9.17 -6.33
N ASN C 111 24.46 -9.40 -5.32
CA ASN C 111 25.37 -10.53 -5.32
C ASN C 111 24.89 -11.76 -4.50
N ASP C 112 23.60 -11.86 -4.24
CA ASP C 112 23.11 -12.89 -3.35
C ASP C 112 22.62 -14.10 -4.11
N LEU C 113 22.31 -15.12 -3.31
CA LEU C 113 21.59 -16.29 -3.79
C LEU C 113 20.13 -15.86 -3.92
N SER C 114 19.37 -16.61 -4.70
CA SER C 114 17.98 -16.31 -4.93
C SER C 114 17.08 -17.57 -4.95
N ALA C 115 15.78 -17.31 -4.85
CA ALA C 115 14.73 -18.31 -5.06
C ALA C 115 13.59 -17.66 -5.84
N LEU C 116 13.12 -18.38 -6.86
CA LEU C 116 12.00 -17.93 -7.66
C LEU C 116 10.82 -18.89 -7.46
N VAL C 117 9.63 -18.29 -7.29
CA VAL C 117 8.43 -19.05 -7.13
C VAL C 117 7.31 -18.40 -7.95
N LEU C 118 6.55 -19.24 -8.64
CA LEU C 118 5.41 -18.78 -9.41
C LEU C 118 4.28 -18.47 -8.48
N GLY C 119 3.63 -17.34 -8.73
CA GLY C 119 2.59 -16.81 -7.85
C GLY C 119 1.29 -17.59 -7.81
N ASP C 120 1.14 -18.54 -8.72
CA ASP C 120 -0.04 -19.37 -8.75
C ASP C 120 0.23 -20.84 -8.43
N ASN C 121 1.38 -21.16 -7.82
CA ASN C 121 1.63 -22.54 -7.42
C ASN C 121 1.33 -22.71 -5.93
N LEU C 122 0.57 -23.76 -5.64
CA LEU C 122 0.30 -24.22 -4.27
C LEU C 122 0.99 -25.56 -4.01
N TYR C 123 1.63 -25.67 -2.84
CA TYR C 123 2.26 -26.88 -2.37
C TYR C 123 1.73 -27.25 -0.98
N TYR C 124 1.70 -28.55 -0.71
CA TYR C 124 1.35 -29.04 0.62
C TYR C 124 2.00 -30.41 0.88
N GLY C 125 2.58 -30.56 2.07
CA GLY C 125 2.83 -31.90 2.60
C GLY C 125 3.80 -31.94 3.76
N HIS C 126 4.12 -33.17 4.16
CA HIS C 126 4.83 -33.44 5.38
C HIS C 126 6.29 -33.16 5.15
N ASP C 127 6.90 -32.40 6.07
CA ASP C 127 8.31 -32.12 5.99
C ASP C 127 8.65 -31.29 4.76
N PHE C 128 7.68 -30.53 4.27
CA PHE C 128 7.98 -29.58 3.21
C PHE C 128 9.10 -28.62 3.62
N HIS C 129 9.12 -28.21 4.89
CA HIS C 129 10.22 -27.38 5.47
C HIS C 129 11.61 -28.01 5.17
N GLU C 130 11.69 -29.31 5.40
CA GLU C 130 12.92 -30.05 5.22
C GLU C 130 13.27 -30.22 3.74
N LEU C 131 12.27 -30.47 2.91
CA LEU C 131 12.51 -30.49 1.46
C LEU C 131 13.06 -29.12 0.91
N LEU C 132 12.53 -28.01 1.40
CA LEU C 132 13.01 -26.69 0.99
C LEU C 132 14.40 -26.41 1.52
N GLY C 133 14.62 -26.72 2.79
CA GLY C 133 15.87 -26.46 3.47
C GLY C 133 17.08 -27.10 2.80
N SER C 134 16.90 -28.31 2.29
CA SER C 134 17.98 -28.99 1.58
C SER C 134 18.28 -28.35 0.19
N ALA C 135 17.26 -27.77 -0.47
CA ALA C 135 17.50 -26.91 -1.64
C ALA C 135 18.23 -25.63 -1.25
N SER C 136 17.68 -24.85 -0.33
CA SER C 136 18.30 -23.56 0.02
C SER C 136 19.68 -23.66 0.71
N GLN C 137 20.04 -24.83 1.25
CA GLN C 137 21.37 -25.04 1.87
C GLN C 137 22.48 -25.27 0.85
N ARG C 138 22.17 -25.96 -0.24
CA ARG C 138 23.11 -26.11 -1.35
C ARG C 138 23.44 -24.71 -1.90
N GLN C 139 24.58 -24.12 -1.49
CA GLN C 139 24.91 -22.70 -1.81
C GLN C 139 25.64 -22.43 -3.16
N THR C 140 25.82 -23.45 -3.98
CA THR C 140 26.30 -23.26 -5.34
C THR C 140 25.42 -24.06 -6.28
N GLY C 141 25.35 -23.62 -7.52
CA GLY C 141 24.49 -24.23 -8.49
C GLY C 141 23.05 -23.84 -8.27
N ALA C 142 22.16 -24.64 -8.83
CA ALA C 142 20.75 -24.45 -8.77
C ALA C 142 20.08 -25.75 -8.33
N SER C 143 18.89 -25.61 -7.77
CA SER C 143 18.06 -26.76 -7.36
C SER C 143 16.64 -26.57 -7.83
N VAL C 144 16.09 -27.61 -8.43
CA VAL C 144 14.71 -27.65 -8.86
C VAL C 144 14.07 -28.93 -8.32
N PHE C 145 12.75 -29.01 -8.45
CA PHE C 145 11.99 -30.18 -8.00
C PHE C 145 11.18 -30.77 -9.16
N ALA C 146 11.19 -32.11 -9.21
CA ALA C 146 10.47 -32.91 -10.20
C ALA C 146 9.31 -33.61 -9.53
N TYR C 147 8.14 -33.57 -10.17
CA TYR C 147 6.90 -34.05 -9.58
C TYR C 147 6.16 -34.82 -10.63
N HIS C 148 5.76 -36.06 -10.31
CA HIS C 148 5.02 -36.87 -11.27
C HIS C 148 3.64 -36.27 -11.55
N VAL C 149 3.36 -35.97 -12.83
CA VAL C 149 2.04 -35.45 -13.27
C VAL C 149 1.43 -36.24 -14.41
N LEU C 150 0.13 -36.08 -14.56
CA LEU C 150 -0.62 -36.69 -15.67
C LEU C 150 -0.33 -36.00 -16.99
N ASP C 151 -0.08 -34.69 -16.97
CA ASP C 151 -0.06 -33.89 -18.19
C ASP C 151 1.28 -33.16 -18.33
N PRO C 152 2.39 -33.91 -18.38
CA PRO C 152 3.71 -33.28 -18.37
C PRO C 152 3.98 -32.29 -19.53
N GLU C 153 3.26 -32.44 -20.64
CA GLU C 153 3.30 -31.51 -21.82
C GLU C 153 3.06 -30.05 -21.49
N ARG C 154 2.37 -29.78 -20.38
CA ARG C 154 2.12 -28.39 -19.97
C ARG C 154 3.28 -27.74 -19.25
N TYR C 155 4.35 -28.49 -18.97
CA TYR C 155 5.43 -28.01 -18.11
C TYR C 155 6.80 -28.23 -18.72
N GLY C 156 7.81 -27.76 -17.98
CA GLY C 156 9.18 -28.20 -18.17
C GLY C 156 9.26 -29.63 -17.67
N VAL C 157 9.84 -30.50 -18.49
CA VAL C 157 9.90 -31.95 -18.23
C VAL C 157 11.36 -32.35 -18.08
N VAL C 158 11.63 -33.26 -17.12
CA VAL C 158 12.97 -33.76 -16.79
C VAL C 158 13.03 -35.19 -17.25
N GLU C 159 14.13 -35.55 -17.93
CA GLU C 159 14.40 -36.93 -18.28
C GLU C 159 15.52 -37.42 -17.37
N PHE C 160 15.33 -38.60 -16.80
CA PHE C 160 16.34 -39.19 -15.96
C PHE C 160 16.93 -40.40 -16.66
N ASP C 161 18.22 -40.66 -16.47
CA ASP C 161 18.78 -41.93 -16.96
C ASP C 161 18.44 -43.08 -15.97
N GLN C 162 18.94 -44.29 -16.20
CA GLN C 162 18.57 -45.44 -15.35
C GLN C 162 19.13 -45.38 -13.91
N GLY C 163 20.20 -44.63 -13.68
CA GLY C 163 20.66 -44.36 -12.31
C GLY C 163 20.03 -43.13 -11.64
N GLY C 164 19.00 -42.56 -12.25
CA GLY C 164 18.28 -41.44 -11.66
C GLY C 164 18.93 -40.08 -11.85
N LYS C 165 19.92 -39.97 -12.75
CA LYS C 165 20.55 -38.67 -13.04
C LYS C 165 19.72 -37.94 -14.08
N ALA C 166 19.53 -36.63 -13.88
CA ALA C 166 18.86 -35.81 -14.86
C ALA C 166 19.77 -35.64 -16.07
N ILE C 167 19.25 -35.93 -17.26
CA ILE C 167 20.01 -35.86 -18.53
C ILE C 167 19.45 -34.91 -19.58
N SER C 168 18.18 -34.54 -19.49
CA SER C 168 17.62 -33.51 -20.36
C SER C 168 16.43 -32.79 -19.71
N LEU C 169 16.22 -31.56 -20.17
CA LEU C 169 15.10 -30.73 -19.80
C LEU C 169 14.48 -30.25 -21.10
N GLU C 170 13.15 -30.23 -21.16
CA GLU C 170 12.43 -29.75 -22.33
C GLU C 170 11.23 -28.92 -21.90
N GLU C 171 11.05 -27.79 -22.57
CA GLU C 171 9.92 -26.91 -22.33
C GLU C 171 8.69 -27.37 -23.12
N LYS C 172 7.62 -27.71 -22.40
CA LYS C 172 6.35 -28.07 -22.96
C LYS C 172 6.46 -29.02 -24.17
N PRO C 173 7.16 -30.13 -23.98
CA PRO C 173 7.35 -30.97 -25.14
C PRO C 173 6.02 -31.63 -25.55
N LEU C 174 5.75 -31.69 -26.84
CA LEU C 174 4.56 -32.40 -27.35
C LEU C 174 4.68 -33.90 -27.08
N GLU C 175 5.90 -34.44 -27.12
CA GLU C 175 6.18 -35.83 -26.79
C GLU C 175 7.13 -35.92 -25.57
N PRO C 176 6.56 -35.80 -24.35
CA PRO C 176 7.38 -35.74 -23.14
C PRO C 176 8.19 -37.01 -22.95
N LYS C 177 9.41 -36.87 -22.45
CA LYS C 177 10.27 -38.02 -22.19
C LYS C 177 9.96 -38.75 -20.87
N SER C 178 9.29 -38.06 -19.95
CA SER C 178 8.84 -38.68 -18.72
C SER C 178 7.59 -37.97 -18.26
N ASN C 179 7.07 -38.41 -17.12
CA ASN C 179 5.93 -37.75 -16.48
C ASN C 179 6.38 -36.77 -15.36
N TYR C 180 7.68 -36.49 -15.31
CA TYR C 180 8.21 -35.59 -14.30
C TYR C 180 8.28 -34.16 -14.76
N ALA C 181 7.36 -33.35 -14.23
CA ALA C 181 7.35 -31.90 -14.45
C ALA C 181 8.29 -31.17 -13.49
N VAL C 182 8.92 -30.11 -13.98
CA VAL C 182 9.68 -29.22 -13.06
C VAL C 182 8.67 -28.29 -12.41
N THR C 183 8.60 -28.27 -11.09
CA THR C 183 7.61 -27.42 -10.41
C THR C 183 8.10 -25.99 -10.50
N GLY C 184 7.21 -25.05 -10.16
CA GLY C 184 7.49 -23.60 -10.34
C GLY C 184 8.08 -22.96 -9.09
N LEU C 185 9.14 -23.59 -8.61
CA LEU C 185 9.85 -23.21 -7.42
C LEU C 185 11.30 -23.58 -7.70
N TYR C 186 12.18 -22.59 -7.71
CA TYR C 186 13.56 -22.75 -8.15
C TYR C 186 14.50 -22.04 -7.20
N PHE C 187 15.66 -22.64 -6.93
CA PHE C 187 16.70 -22.05 -6.08
C PHE C 187 17.97 -21.80 -6.92
N TYR C 188 18.51 -20.58 -6.89
CA TYR C 188 19.66 -20.20 -7.73
C TYR C 188 20.83 -19.62 -6.93
N ASP C 189 22.06 -19.87 -7.40
CA ASP C 189 23.26 -19.21 -6.88
C ASP C 189 23.45 -17.87 -7.61
N GLN C 190 24.63 -17.25 -7.44
CA GLN C 190 24.91 -15.91 -8.01
C GLN C 190 25.10 -15.89 -9.52
N GLN C 191 25.15 -17.05 -10.14
CA GLN C 191 25.31 -17.15 -11.60
C GLN C 191 24.05 -16.88 -12.38
N VAL C 192 22.88 -16.86 -11.73
CA VAL C 192 21.63 -16.83 -12.47
C VAL C 192 21.43 -15.58 -13.34
N VAL C 193 21.82 -14.43 -12.82
CA VAL C 193 21.63 -13.17 -13.51
C VAL C 193 22.43 -13.15 -14.82
N ASP C 194 23.67 -13.63 -14.79
CA ASP C 194 24.52 -13.67 -16.00
C ASP C 194 24.04 -14.69 -17.03
N ILE C 195 23.59 -15.87 -16.58
CA ILE C 195 22.90 -16.82 -17.48
C ILE C 195 21.65 -16.17 -18.11
N ALA C 196 20.82 -15.53 -17.28
CA ALA C 196 19.61 -14.89 -17.79
C ALA C 196 19.91 -13.77 -18.79
N ARG C 197 21.01 -13.05 -18.60
CA ARG C 197 21.35 -11.96 -19.52
C ARG C 197 21.72 -12.49 -20.91
N ASP C 198 22.31 -13.69 -20.98
CA ASP C 198 22.67 -14.32 -22.28
C ASP C 198 21.56 -15.08 -23.02
N LEU C 199 20.35 -15.13 -22.47
CA LEU C 199 19.26 -15.85 -23.14
C LEU C 199 18.69 -15.08 -24.34
N LYS C 200 18.59 -15.77 -25.47
CA LYS C 200 17.85 -15.28 -26.64
C LYS C 200 16.39 -15.74 -26.45
N PRO C 201 15.39 -14.92 -26.85
CA PRO C 201 14.01 -15.41 -26.79
C PRO C 201 13.77 -16.74 -27.53
N SER C 202 12.78 -17.50 -27.07
CA SER C 202 12.45 -18.81 -27.64
C SER C 202 11.62 -18.60 -28.92
N PRO C 203 11.35 -19.68 -29.69
CA PRO C 203 10.44 -19.62 -30.83
C PRO C 203 9.15 -18.78 -30.65
N ARG C 204 8.42 -19.00 -29.54
CA ARG C 204 7.22 -18.19 -29.19
C ARG C 204 7.46 -16.83 -28.47
N GLY C 205 8.73 -16.44 -28.31
CA GLY C 205 9.11 -15.08 -27.92
C GLY C 205 9.32 -14.82 -26.43
N GLU C 206 9.45 -15.88 -25.64
CA GLU C 206 9.65 -15.78 -24.19
C GLU C 206 11.09 -16.09 -23.74
N LEU C 207 11.52 -15.45 -22.67
CA LEU C 207 12.74 -15.82 -21.96
C LEU C 207 12.36 -16.97 -21.02
N GLU C 208 12.87 -18.15 -21.32
CA GLU C 208 12.35 -19.39 -20.74
C GLU C 208 13.16 -19.81 -19.52
N ILE C 209 12.46 -20.14 -18.43
CA ILE C 209 13.13 -20.66 -17.24
C ILE C 209 13.85 -22.01 -17.51
N THR C 210 13.30 -22.83 -18.40
CA THR C 210 13.93 -24.09 -18.79
C THR C 210 15.36 -23.88 -19.38
N ASP C 211 15.56 -22.78 -20.08
CA ASP C 211 16.85 -22.49 -20.68
C ASP C 211 17.83 -22.11 -19.60
N VAL C 212 17.36 -21.37 -18.59
CA VAL C 212 18.19 -21.08 -17.41
C VAL C 212 18.58 -22.38 -16.73
N ASN C 213 17.61 -23.26 -16.50
CA ASN C 213 17.90 -24.51 -15.81
C ASN C 213 18.79 -25.47 -16.59
N ARG C 214 18.71 -25.43 -17.92
CA ARG C 214 19.56 -26.23 -18.80
C ARG C 214 21.03 -25.78 -18.80
N ALA C 215 21.25 -24.48 -18.64
CA ALA C 215 22.58 -23.94 -18.50
C ALA C 215 23.23 -24.50 -17.25
N TYR C 216 22.50 -24.54 -16.12
CA TYR C 216 23.05 -25.18 -14.93
C TYR C 216 23.30 -26.67 -15.15
N LEU C 217 22.37 -27.34 -15.84
CA LEU C 217 22.49 -28.77 -16.13
C LEU C 217 23.79 -29.04 -16.94
N GLU C 218 24.02 -28.23 -17.97
CA GLU C 218 25.19 -28.40 -18.87
C GLU C 218 26.53 -28.17 -18.17
N ARG C 219 26.54 -27.32 -17.13
CA ARG C 219 27.72 -27.11 -16.29
C ARG C 219 27.87 -28.16 -15.19
N GLY C 220 27.01 -29.18 -15.16
CA GLY C 220 26.94 -30.11 -14.02
C GLY C 220 26.59 -29.44 -12.70
N GLN C 221 25.80 -28.37 -12.73
CA GLN C 221 25.46 -27.66 -11.48
C GLN C 221 23.95 -27.62 -11.11
N LEU C 222 23.17 -28.55 -11.64
CA LEU C 222 21.73 -28.56 -11.41
C LEU C 222 21.46 -29.76 -10.53
N SER C 223 20.80 -29.52 -9.42
CA SER C 223 20.29 -30.56 -8.56
C SER C 223 18.76 -30.68 -8.86
N VAL C 224 18.33 -31.90 -9.19
CA VAL C 224 16.92 -32.20 -9.39
C VAL C 224 16.46 -33.12 -8.25
N GLU C 225 15.76 -32.55 -7.27
CA GLU C 225 15.23 -33.38 -6.19
C GLU C 225 13.83 -33.80 -6.58
N ILE C 226 13.49 -35.05 -6.27
CA ILE C 226 12.13 -35.52 -6.48
C ILE C 226 11.22 -34.93 -5.41
N MET C 227 10.13 -34.28 -5.82
CA MET C 227 9.02 -33.98 -4.88
C MET C 227 8.08 -35.17 -4.92
N GLY C 228 8.00 -35.89 -3.83
CA GLY C 228 7.31 -37.15 -3.81
C GLY C 228 5.81 -37.00 -4.01
N ARG C 229 5.19 -38.13 -4.35
CA ARG C 229 3.77 -38.24 -4.56
C ARG C 229 2.93 -37.96 -3.31
N GLY C 230 3.53 -38.09 -2.14
CA GLY C 230 2.88 -37.71 -0.90
C GLY C 230 2.76 -36.21 -0.67
N TYR C 231 3.42 -35.39 -1.49
CA TYR C 231 3.14 -33.94 -1.58
C TYR C 231 2.05 -33.62 -2.63
N ALA C 232 1.22 -32.63 -2.34
CA ALA C 232 0.27 -32.11 -3.28
C ALA C 232 0.90 -30.88 -3.90
N TRP C 233 1.03 -30.89 -5.22
CA TRP C 233 1.39 -29.68 -6.00
C TRP C 233 0.21 -29.37 -6.88
N LEU C 234 -0.49 -28.30 -6.53
CA LEU C 234 -1.74 -28.01 -7.21
C LEU C 234 -1.61 -26.92 -8.24
N ASP C 235 -2.59 -26.99 -9.11
CA ASP C 235 -2.69 -26.39 -10.42
C ASP C 235 -3.74 -25.31 -10.22
N THR C 236 -3.40 -24.06 -10.48
CA THR C 236 -4.40 -23.01 -10.61
C THR C 236 -4.47 -22.44 -12.05
N GLY C 237 -4.23 -23.28 -13.05
CA GLY C 237 -4.23 -22.84 -14.46
C GLY C 237 -5.59 -22.53 -15.09
N THR C 238 -6.63 -23.20 -14.61
CA THR C 238 -7.98 -23.06 -15.15
C THR C 238 -9.01 -22.75 -14.04
N HIS C 239 -10.23 -22.41 -14.44
CA HIS C 239 -11.29 -22.19 -13.45
C HIS C 239 -11.62 -23.47 -12.71
N ASP C 240 -11.59 -24.59 -13.41
CA ASP C 240 -11.82 -25.91 -12.82
C ASP C 240 -10.77 -26.28 -11.78
N SER C 241 -9.49 -26.13 -12.12
CA SER C 241 -8.40 -26.45 -11.19
C SER C 241 -8.28 -25.47 -10.01
N LEU C 242 -8.58 -24.18 -10.25
CA LEU C 242 -8.71 -23.20 -9.16
C LEU C 242 -9.78 -23.64 -8.16
N LEU C 243 -10.87 -24.19 -8.66
CA LEU C 243 -11.94 -24.74 -7.81
C LEU C 243 -11.52 -26.00 -7.02
N GLU C 244 -10.82 -26.93 -7.69
CA GLU C 244 -10.20 -28.09 -7.03
C GLU C 244 -9.27 -27.73 -5.91
N ALA C 245 -8.41 -26.75 -6.16
CA ALA C 245 -7.47 -26.29 -5.15
C ALA C 245 -8.20 -25.74 -3.91
N GLY C 246 -9.30 -25.00 -4.14
CA GLY C 246 -10.17 -24.52 -3.07
C GLY C 246 -10.73 -25.63 -2.21
N GLN C 247 -11.31 -26.63 -2.86
CA GLN C 247 -11.90 -27.80 -2.21
CA GLN C 247 -11.90 -27.79 -2.17
C GLN C 247 -10.85 -28.53 -1.36
N PHE C 248 -9.63 -28.62 -1.91
CA PHE C 248 -8.54 -29.36 -1.33
C PHE C 248 -8.09 -28.74 0.01
N ILE C 249 -7.85 -27.43 -0.01
CA ILE C 249 -7.48 -26.65 1.16
C ILE C 249 -8.64 -26.64 2.17
N ALA C 250 -9.85 -26.36 1.72
CA ALA C 250 -11.00 -26.39 2.62
C ALA C 250 -11.14 -27.73 3.36
N THR C 251 -11.01 -28.85 2.64
CA THR C 251 -11.09 -30.16 3.25
C THR C 251 -10.03 -30.38 4.36
N LEU C 252 -8.78 -30.03 4.05
CA LEU C 252 -7.67 -30.15 5.01
C LEU C 252 -7.90 -29.27 6.23
N GLU C 253 -8.29 -28.01 5.99
CA GLU C 253 -8.40 -27.01 7.08
C GLU C 253 -9.55 -27.33 8.02
N ASN C 254 -10.68 -27.77 7.46
CA ASN C 254 -11.86 -28.18 8.22
C ASN C 254 -11.74 -29.53 8.92
N ARG C 255 -10.91 -30.39 8.37
CA ARG C 255 -10.51 -31.57 9.07
C ARG C 255 -9.66 -31.26 10.32
N GLN C 256 -8.65 -30.44 10.13
CA GLN C 256 -7.59 -30.21 11.09
C GLN C 256 -7.87 -29.12 12.14
N GLY C 257 -8.69 -28.14 11.76
CA GLY C 257 -8.77 -26.89 12.48
C GLY C 257 -7.42 -26.23 12.49
N LEU C 258 -6.65 -26.43 11.41
CA LEU C 258 -5.37 -25.76 11.18
C LEU C 258 -5.40 -25.23 9.78
N LYS C 259 -4.62 -24.18 9.55
CA LYS C 259 -4.60 -23.52 8.27
C LYS C 259 -3.37 -23.95 7.53
N VAL C 260 -3.49 -24.02 6.19
CA VAL C 260 -2.38 -24.16 5.27
C VAL C 260 -2.03 -22.78 4.72
N ALA C 261 -0.74 -22.42 4.78
CA ALA C 261 -0.20 -21.19 4.22
C ALA C 261 -0.79 -19.91 4.78
N CYS C 262 -0.84 -19.86 6.10
CA CYS C 262 -1.21 -18.68 6.83
C CYS C 262 0.12 -17.96 7.13
N PRO C 263 0.40 -16.84 6.45
CA PRO C 263 1.71 -16.18 6.63
C PRO C 263 2.07 -15.74 8.07
N GLU C 264 1.08 -15.26 8.80
CA GLU C 264 1.26 -14.81 10.16
C GLU C 264 1.77 -15.96 11.04
N GLU C 265 1.15 -17.14 10.84
CA GLU C 265 1.55 -18.36 11.55
C GLU C 265 2.99 -18.71 11.20
N ILE C 266 3.33 -18.65 9.92
CA ILE C 266 4.68 -19.02 9.51
C ILE C 266 5.73 -18.07 10.08
N ALA C 267 5.48 -16.76 10.02
CA ALA C 267 6.39 -15.80 10.65
C ALA C 267 6.55 -16.05 12.18
N TYR C 268 5.44 -16.38 12.86
CA TYR C 268 5.44 -16.68 14.31
C TYR C 268 6.22 -17.94 14.64
N ARG C 269 6.11 -18.96 13.80
CA ARG C 269 6.86 -20.20 14.02
C ARG C 269 8.30 -20.09 13.61
N GLN C 270 8.62 -19.27 12.60
CA GLN C 270 10.01 -18.91 12.33
C GLN C 270 10.62 -17.97 13.38
N LYS C 271 9.79 -17.45 14.29
CA LYS C 271 10.21 -16.51 15.34
C LYS C 271 10.65 -15.19 14.76
N TRP C 272 10.07 -14.83 13.62
CA TRP C 272 10.33 -13.54 12.99
C TRP C 272 9.44 -12.45 13.61
N ILE C 273 8.34 -12.86 14.20
CA ILE C 273 7.50 -12.01 15.01
C ILE C 273 7.27 -12.78 16.30
N ASP C 274 6.94 -12.06 17.37
CA ASP C 274 6.71 -12.66 18.69
C ASP C 274 5.22 -12.65 19.05
N ALA C 275 4.86 -13.17 20.23
CA ALA C 275 3.46 -13.37 20.57
C ALA C 275 2.64 -12.08 20.62
N ALA C 276 3.25 -11.02 21.15
CA ALA C 276 2.60 -9.68 21.17
C ALA C 276 2.33 -9.12 19.78
N GLN C 277 3.27 -9.32 18.86
CA GLN C 277 3.12 -8.88 17.45
C GLN C 277 1.96 -9.64 16.78
N LEU C 278 1.91 -10.96 17.00
CA LEU C 278 0.83 -11.83 16.47
C LEU C 278 -0.56 -11.48 17.01
N GLU C 279 -0.62 -11.10 18.29
CA GLU C 279 -1.88 -10.64 18.92
C GLU C 279 -2.42 -9.34 18.31
N LYS C 280 -1.52 -8.42 17.96
CA LYS C 280 -1.89 -7.16 17.31
C LYS C 280 -2.43 -7.35 15.89
N LEU C 281 -1.89 -8.34 15.18
CA LEU C 281 -2.42 -8.71 13.86
C LEU C 281 -3.74 -9.42 13.99
N ALA C 282 -3.96 -10.14 15.09
CA ALA C 282 -5.26 -10.80 15.33
C ALA C 282 -6.41 -9.83 15.66
N ALA C 283 -6.10 -8.69 16.29
CA ALA C 283 -7.09 -7.70 16.73
C ALA C 283 -8.06 -7.24 15.64
N PRO C 284 -7.55 -6.62 14.54
CA PRO C 284 -8.49 -6.20 13.48
C PRO C 284 -9.26 -7.34 12.79
N LEU C 285 -8.76 -8.57 12.92
CA LEU C 285 -9.40 -9.75 12.37
C LEU C 285 -10.21 -10.54 13.38
N ALA C 286 -10.42 -9.99 14.57
CA ALA C 286 -11.05 -10.70 15.70
C ALA C 286 -12.45 -11.24 15.43
N LYS C 287 -13.21 -10.55 14.59
CA LYS C 287 -14.60 -10.88 14.29
C LYS C 287 -14.80 -11.92 13.18
N ASN C 288 -13.72 -12.52 12.69
CA ASN C 288 -13.83 -13.64 11.73
C ASN C 288 -12.95 -14.80 12.17
N GLY C 289 -13.18 -15.98 11.60
CA GLY C 289 -12.43 -17.19 11.94
C GLY C 289 -10.90 -17.14 11.78
N TYR C 290 -10.43 -16.29 10.87
CA TYR C 290 -9.00 -16.14 10.59
C TYR C 290 -8.27 -15.45 11.75
N GLY C 291 -8.84 -14.37 12.27
CA GLY C 291 -8.27 -13.69 13.43
C GLY C 291 -8.45 -14.48 14.70
N GLN C 292 -9.56 -15.23 14.80
CA GLN C 292 -9.78 -16.15 15.93
C GLN C 292 -8.72 -17.26 15.90
N TYR C 293 -8.30 -17.66 14.70
CA TYR C 293 -7.26 -18.69 14.55
C TYR C 293 -5.92 -18.20 15.03
N LEU C 294 -5.57 -16.98 14.65
CA LEU C 294 -4.31 -16.39 15.06
C LEU C 294 -4.27 -16.24 16.58
N LYS C 295 -5.40 -15.84 17.16
CA LYS C 295 -5.54 -15.74 18.60
C LYS C 295 -5.32 -17.11 19.26
N ARG C 296 -6.05 -18.13 18.82
CA ARG C 296 -5.81 -19.49 19.28
C ARG C 296 -4.33 -19.95 19.18
N LEU C 297 -3.56 -19.48 18.19
CA LEU C 297 -2.14 -19.90 18.10
C LEU C 297 -1.25 -19.37 19.23
N LEU C 298 -1.71 -18.34 19.94
CA LEU C 298 -0.98 -17.77 21.07
C LEU C 298 -0.95 -18.68 22.28
N THR C 299 -2.00 -19.47 22.47
CA THR C 299 -2.12 -20.35 23.63
C THR C 299 -2.00 -21.85 23.35
N GLU C 300 -2.30 -22.31 22.13
CA GLU C 300 -2.23 -23.74 21.79
C GLU C 300 -0.84 -24.20 21.33
N THR C 301 -0.34 -25.30 21.89
CA THR C 301 0.81 -26.01 21.33
C THR C 301 0.33 -26.85 20.13
N VAL C 302 0.90 -26.60 18.96
CA VAL C 302 0.67 -27.35 17.71
C VAL C 302 2.01 -27.95 17.31
N TYR C 303 2.07 -29.27 17.12
CA TYR C 303 3.30 -29.98 16.80
C TYR C 303 3.50 -30.08 15.27
N LYS D 12 -43.22 1.06 -15.80
CA LYS D 12 -41.79 0.59 -15.91
C LYS D 12 -41.10 0.36 -14.54
N ARG D 13 -40.10 -0.53 -14.56
CA ARG D 13 -39.48 -0.97 -13.32
C ARG D 13 -37.97 -0.84 -13.36
N LYS D 14 -37.43 -0.09 -12.39
CA LYS D 14 -35.98 0.07 -12.18
C LYS D 14 -35.48 -0.91 -11.14
N GLY D 15 -34.20 -1.27 -11.24
CA GLY D 15 -33.57 -2.24 -10.33
C GLY D 15 -32.45 -1.71 -9.46
N ILE D 16 -32.29 -2.29 -8.29
CA ILE D 16 -31.18 -1.97 -7.40
C ILE D 16 -30.48 -3.27 -7.07
N ILE D 17 -29.15 -3.30 -7.27
CA ILE D 17 -28.30 -4.35 -6.72
C ILE D 17 -27.62 -3.79 -5.48
N LEU D 18 -27.84 -4.44 -4.34
CA LEU D 18 -27.17 -4.08 -3.12
C LEU D 18 -25.96 -4.99 -2.96
N ALA D 19 -24.78 -4.45 -3.29
CA ALA D 19 -23.51 -5.11 -3.18
C ALA D 19 -22.76 -4.54 -1.98
N GLY D 20 -23.34 -4.74 -0.80
CA GLY D 20 -22.94 -4.07 0.42
C GLY D 20 -21.72 -4.65 1.11
N GLY D 21 -21.34 -4.01 2.22
CA GLY D 21 -20.12 -4.33 2.96
C GLY D 21 -20.29 -5.62 3.75
N SER D 22 -19.33 -6.54 3.61
CA SER D 22 -19.35 -7.79 4.38
C SER D 22 -18.41 -7.66 5.57
N GLY D 23 -17.93 -6.44 5.80
CA GLY D 23 -17.06 -6.14 6.92
C GLY D 23 -15.76 -6.89 6.75
N THR D 24 -15.35 -7.59 7.82
CA THR D 24 -14.13 -8.35 7.85
C THR D 24 -14.39 -9.86 7.77
N ARG D 25 -15.61 -10.27 7.52
CA ARG D 25 -15.99 -11.67 7.73
C ARG D 25 -15.30 -12.66 6.77
N LEU D 26 -14.97 -12.21 5.55
CA LEU D 26 -14.34 -13.03 4.53
C LEU D 26 -12.86 -12.68 4.34
N HIS D 27 -12.32 -11.81 5.20
CA HIS D 27 -10.89 -11.58 5.26
C HIS D 27 -10.12 -12.89 5.48
N PRO D 28 -8.97 -13.05 4.86
CA PRO D 28 -8.24 -12.00 4.09
C PRO D 28 -8.55 -12.00 2.56
N ALA D 29 -9.37 -12.94 2.10
CA ALA D 29 -9.80 -12.96 0.69
C ALA D 29 -10.29 -11.59 0.23
N THR D 30 -11.08 -10.94 1.08
CA THR D 30 -11.67 -9.65 0.78
C THR D 30 -10.81 -8.45 1.22
N LEU D 31 -9.59 -8.66 1.73
CA LEU D 31 -8.68 -7.54 1.98
C LEU D 31 -8.27 -6.97 0.63
N ALA D 32 -8.52 -5.67 0.46
CA ALA D 32 -8.24 -4.97 -0.81
C ALA D 32 -8.97 -5.48 -2.10
N ILE D 33 -10.00 -6.33 -1.94
CA ILE D 33 -10.70 -7.00 -3.06
C ILE D 33 -12.20 -7.21 -2.71
N SER D 34 -13.06 -6.53 -3.44
CA SER D 34 -14.48 -6.48 -3.15
C SER D 34 -15.15 -7.85 -3.19
N LYS D 35 -15.89 -8.20 -2.13
CA LYS D 35 -16.66 -9.45 -2.05
C LYS D 35 -17.41 -9.84 -3.32
N GLN D 36 -18.21 -8.92 -3.87
CA GLN D 36 -19.09 -9.22 -5.01
C GLN D 36 -18.37 -9.16 -6.33
N LEU D 37 -17.06 -8.95 -6.28
CA LEU D 37 -16.16 -9.18 -7.40
C LEU D 37 -15.40 -10.48 -7.31
N LEU D 38 -15.57 -11.25 -6.23
CA LEU D 38 -14.98 -12.59 -6.17
C LEU D 38 -15.70 -13.49 -7.16
N PRO D 39 -14.95 -14.38 -7.81
CA PRO D 39 -15.61 -15.19 -8.82
C PRO D 39 -16.44 -16.32 -8.24
N VAL D 40 -17.61 -16.55 -8.84
CA VAL D 40 -18.33 -17.83 -8.69
C VAL D 40 -18.07 -18.59 -9.98
N TYR D 41 -17.27 -19.63 -9.85
CA TYR D 41 -16.66 -20.35 -10.95
C TYR D 41 -15.85 -19.42 -11.87
N ASP D 42 -16.37 -19.05 -13.02
CA ASP D 42 -15.66 -18.32 -14.05
C ASP D 42 -15.98 -16.81 -14.14
N LYS D 43 -17.00 -16.33 -13.43
CA LYS D 43 -17.40 -14.94 -13.58
C LYS D 43 -17.57 -14.24 -12.24
N PRO D 44 -17.38 -12.89 -12.20
CA PRO D 44 -17.54 -12.17 -10.93
C PRO D 44 -18.94 -12.36 -10.35
N MET D 45 -19.00 -12.52 -9.04
CA MET D 45 -20.26 -12.71 -8.32
C MET D 45 -21.40 -11.84 -8.81
N ILE D 46 -21.12 -10.56 -9.05
CA ILE D 46 -22.18 -9.61 -9.38
C ILE D 46 -22.89 -9.90 -10.70
N TYR D 47 -22.26 -10.67 -11.60
CA TYR D 47 -22.89 -11.08 -12.86
C TYR D 47 -24.20 -11.82 -12.66
N TYR D 48 -24.31 -12.48 -11.50
CA TYR D 48 -25.44 -13.35 -11.18
C TYR D 48 -26.71 -12.55 -10.82
N PRO D 49 -26.63 -11.66 -9.82
CA PRO D 49 -27.78 -10.77 -9.63
C PRO D 49 -28.04 -9.82 -10.79
N LEU D 50 -26.99 -9.38 -11.50
CA LEU D 50 -27.20 -8.50 -12.63
C LEU D 50 -28.08 -9.22 -13.65
N SER D 51 -27.63 -10.41 -14.03
CA SER D 51 -28.31 -11.27 -14.97
C SER D 51 -29.74 -11.57 -14.55
N THR D 52 -29.95 -11.71 -13.24
CA THR D 52 -31.29 -11.93 -12.70
C THR D 52 -32.22 -10.77 -13.01
N LEU D 53 -31.75 -9.56 -12.72
CA LEU D 53 -32.49 -8.36 -13.02
C LEU D 53 -32.74 -8.26 -14.52
N MET D 54 -31.70 -8.56 -15.30
CA MET D 54 -31.78 -8.51 -16.76
C MET D 54 -32.81 -9.52 -17.25
N LEU D 55 -32.89 -10.66 -16.58
CA LEU D 55 -33.87 -11.68 -16.94
C LEU D 55 -35.30 -11.25 -16.63
N ALA D 56 -35.49 -10.45 -15.58
CA ALA D 56 -36.77 -9.86 -15.28
C ALA D 56 -37.14 -8.70 -16.20
N GLY D 57 -36.34 -8.43 -17.25
CA GLY D 57 -36.59 -7.32 -18.18
C GLY D 57 -36.12 -5.95 -17.70
N ILE D 58 -35.38 -5.88 -16.59
CA ILE D 58 -34.94 -4.58 -16.06
C ILE D 58 -33.58 -4.16 -16.64
N ARG D 59 -33.55 -2.99 -17.27
CA ARG D 59 -32.34 -2.45 -17.93
C ARG D 59 -31.69 -1.32 -17.18
N GLU D 60 -32.48 -0.63 -16.36
CA GLU D 60 -32.04 0.57 -15.65
C GLU D 60 -31.80 0.19 -14.22
N ILE D 61 -30.52 0.12 -13.85
CA ILE D 61 -30.06 -0.53 -12.62
C ILE D 61 -29.09 0.34 -11.86
N LEU D 62 -29.35 0.45 -10.55
CA LEU D 62 -28.46 1.13 -9.59
C LEU D 62 -27.66 0.11 -8.77
N ILE D 63 -26.34 0.23 -8.79
CA ILE D 63 -25.43 -0.62 -7.99
C ILE D 63 -25.06 0.19 -6.76
N ILE D 64 -25.50 -0.29 -5.60
CA ILE D 64 -25.15 0.32 -4.31
C ILE D 64 -24.07 -0.52 -3.66
N SER D 65 -22.96 0.10 -3.28
CA SER D 65 -21.88 -0.60 -2.61
C SER D 65 -21.13 0.30 -1.60
N THR D 66 -19.98 -0.14 -1.08
CA THR D 66 -19.22 0.64 -0.10
C THR D 66 -18.52 1.82 -0.78
N PRO D 67 -17.98 2.78 0.01
CA PRO D 67 -17.19 3.82 -0.65
C PRO D 67 -15.97 3.23 -1.32
N GLN D 68 -15.42 2.15 -0.76
CA GLN D 68 -14.25 1.47 -1.31
C GLN D 68 -14.58 0.69 -2.56
N ASP D 69 -15.69 -0.03 -2.54
CA ASP D 69 -16.01 -0.94 -3.63
C ASP D 69 -16.77 -0.33 -4.83
N THR D 70 -17.59 0.71 -4.61
CA THR D 70 -18.37 1.28 -5.69
C THR D 70 -17.55 1.62 -6.94
N PRO D 71 -16.39 2.33 -6.79
CA PRO D 71 -15.62 2.65 -7.99
C PRO D 71 -15.02 1.44 -8.66
N ARG D 72 -14.79 0.36 -7.91
CA ARG D 72 -14.35 -0.89 -8.50
C ARG D 72 -15.43 -1.49 -9.39
N PHE D 73 -16.68 -1.54 -8.93
CA PHE D 73 -17.78 -1.95 -9.82
C PHE D 73 -17.87 -1.04 -11.05
N GLN D 74 -17.73 0.28 -10.84
CA GLN D 74 -17.76 1.25 -11.96
C GLN D 74 -16.69 0.97 -12.97
N GLN D 75 -15.48 0.74 -12.48
CA GLN D 75 -14.37 0.46 -13.37
C GLN D 75 -14.53 -0.88 -14.10
N LEU D 76 -15.20 -1.86 -13.48
CA LEU D 76 -15.57 -3.11 -14.18
C LEU D 76 -16.60 -2.90 -15.29
N LEU D 77 -17.74 -2.30 -14.92
CA LEU D 77 -19.00 -2.36 -15.69
C LEU D 77 -19.38 -1.06 -16.41
N GLY D 78 -18.85 0.07 -15.95
CA GLY D 78 -19.14 1.36 -16.58
C GLY D 78 -20.63 1.66 -16.55
N ASP D 79 -21.12 2.34 -17.57
CA ASP D 79 -22.53 2.70 -17.65
C ASP D 79 -23.44 1.59 -18.21
N GLY D 80 -22.85 0.46 -18.60
CA GLY D 80 -23.61 -0.71 -19.10
C GLY D 80 -23.99 -0.68 -20.57
N SER D 81 -23.71 0.43 -21.23
CA SER D 81 -24.14 0.64 -22.61
C SER D 81 -23.70 -0.47 -23.56
N ASN D 82 -22.55 -1.07 -23.32
CA ASN D 82 -22.10 -2.19 -24.13
C ASN D 82 -22.99 -3.43 -24.07
N TRP D 83 -23.82 -3.56 -23.02
CA TRP D 83 -24.76 -4.66 -22.90
C TRP D 83 -26.21 -4.21 -22.98
N GLY D 84 -26.42 -3.00 -23.51
CA GLY D 84 -27.75 -2.45 -23.64
C GLY D 84 -28.38 -2.05 -22.33
N LEU D 85 -27.57 -1.73 -21.33
CA LEU D 85 -28.11 -1.37 -20.01
C LEU D 85 -27.87 0.12 -19.71
N ASP D 86 -28.52 0.59 -18.65
CA ASP D 86 -28.26 1.92 -18.09
C ASP D 86 -27.95 1.74 -16.61
N LEU D 87 -26.65 1.59 -16.31
CA LEU D 87 -26.15 1.43 -14.93
C LEU D 87 -25.75 2.78 -14.31
N GLN D 88 -26.25 3.06 -13.11
CA GLN D 88 -25.77 4.14 -12.25
C GLN D 88 -25.21 3.52 -10.96
N TYR D 89 -24.53 4.34 -10.15
CA TYR D 89 -23.87 3.89 -8.94
C TYR D 89 -24.16 4.83 -7.77
N ALA D 90 -24.29 4.26 -6.58
CA ALA D 90 -24.40 5.05 -5.35
C ALA D 90 -23.68 4.32 -4.22
N VAL D 91 -23.27 5.08 -3.22
CA VAL D 91 -22.51 4.54 -2.12
C VAL D 91 -23.40 4.38 -0.87
N GLN D 92 -23.16 3.32 -0.09
CA GLN D 92 -23.74 3.18 1.25
C GLN D 92 -22.60 3.35 2.27
N PRO D 93 -22.47 4.55 2.90
CA PRO D 93 -21.35 4.82 3.81
C PRO D 93 -21.12 3.74 4.85
N SER D 94 -22.19 3.16 5.36
CA SER D 94 -22.12 2.24 6.48
C SER D 94 -23.16 1.11 6.37
N PRO D 95 -22.81 -0.14 6.75
CA PRO D 95 -23.77 -1.25 6.58
C PRO D 95 -24.94 -1.14 7.59
N ASP D 96 -25.84 -0.19 7.35
CA ASP D 96 -26.89 0.19 8.30
C ASP D 96 -28.25 -0.45 7.99
N GLY D 97 -28.27 -1.56 7.25
CA GLY D 97 -29.50 -2.24 6.89
C GLY D 97 -29.79 -2.18 5.41
N LEU D 98 -30.43 -3.25 4.92
CA LEU D 98 -30.77 -3.38 3.51
C LEU D 98 -31.83 -2.36 3.05
N ALA D 99 -32.73 -1.93 3.94
CA ALA D 99 -33.80 -0.96 3.60
C ALA D 99 -33.27 0.42 3.22
N GLN D 100 -32.09 0.76 3.72
CA GLN D 100 -31.39 1.97 3.29
C GLN D 100 -31.20 2.15 1.81
N ALA D 101 -31.20 1.03 1.08
CA ALA D 101 -31.16 1.06 -0.39
C ALA D 101 -32.18 2.00 -0.99
N PHE D 102 -33.35 2.09 -0.36
CA PHE D 102 -34.47 2.89 -0.85
C PHE D 102 -34.34 4.38 -0.52
N LEU D 103 -33.57 4.69 0.52
CA LEU D 103 -33.24 6.07 0.87
C LEU D 103 -32.11 6.55 -0.03
N ILE D 104 -31.02 5.78 -0.07
CA ILE D 104 -29.89 6.05 -0.96
C ILE D 104 -30.43 6.17 -2.37
N GLY D 105 -31.34 5.25 -2.71
CA GLY D 105 -31.86 5.15 -4.06
C GLY D 105 -33.13 5.91 -4.34
N GLU D 106 -33.54 6.79 -3.43
CA GLU D 106 -34.73 7.59 -3.64
C GLU D 106 -34.81 8.30 -5.00
N SER D 107 -33.83 9.15 -5.33
CA SER D 107 -33.92 9.92 -6.58
C SER D 107 -33.77 9.06 -7.85
N PHE D 108 -33.02 7.96 -7.73
CA PHE D 108 -32.98 6.97 -8.80
C PHE D 108 -34.33 6.31 -9.07
N ILE D 109 -35.02 5.88 -8.01
CA ILE D 109 -36.35 5.26 -8.14
C ILE D 109 -37.37 6.23 -8.70
N GLY D 110 -37.28 7.49 -8.25
CA GLY D 110 -38.19 8.53 -8.72
C GLY D 110 -39.60 8.11 -8.36
N ASN D 111 -40.49 8.15 -9.32
CA ASN D 111 -41.87 7.73 -9.14
C ASN D 111 -42.14 6.36 -9.83
N ASP D 112 -41.07 5.60 -10.10
CA ASP D 112 -41.23 4.32 -10.80
C ASP D 112 -41.34 3.13 -9.84
N LEU D 113 -41.75 1.99 -10.39
CA LEU D 113 -41.74 0.72 -9.67
C LEU D 113 -40.29 0.29 -9.53
N SER D 114 -40.01 -0.59 -8.58
CA SER D 114 -38.65 -1.05 -8.40
C SER D 114 -38.52 -2.55 -8.11
N ALA D 115 -37.28 -3.04 -8.23
CA ALA D 115 -36.88 -4.36 -7.77
C ALA D 115 -35.52 -4.24 -7.08
N LEU D 116 -35.39 -4.88 -5.92
CA LEU D 116 -34.12 -5.00 -5.24
C LEU D 116 -33.63 -6.46 -5.30
N VAL D 117 -32.33 -6.60 -5.52
CA VAL D 117 -31.68 -7.89 -5.44
C VAL D 117 -30.35 -7.80 -4.67
N LEU D 118 -30.11 -8.77 -3.81
CA LEU D 118 -28.87 -8.82 -3.02
C LEU D 118 -27.72 -9.31 -3.88
N GLY D 119 -26.60 -8.61 -3.76
CA GLY D 119 -25.40 -8.82 -4.59
C GLY D 119 -24.74 -10.19 -4.51
N ASP D 120 -25.04 -10.95 -3.46
CA ASP D 120 -24.47 -12.28 -3.29
C ASP D 120 -25.49 -13.43 -3.39
N ASN D 121 -26.58 -13.18 -4.13
CA ASN D 121 -27.64 -14.16 -4.31
C ASN D 121 -27.60 -14.68 -5.73
N LEU D 122 -27.61 -16.01 -5.83
CA LEU D 122 -27.55 -16.79 -7.07
C LEU D 122 -28.82 -17.60 -7.21
N TYR D 123 -29.45 -17.54 -8.38
CA TYR D 123 -30.67 -18.27 -8.66
C TYR D 123 -30.46 -19.11 -9.92
N TYR D 124 -31.09 -20.28 -9.95
CA TYR D 124 -31.12 -21.12 -11.14
C TYR D 124 -32.39 -21.95 -11.22
N GLY D 125 -33.00 -22.00 -12.40
CA GLY D 125 -34.02 -23.01 -12.66
C GLY D 125 -34.90 -22.81 -13.88
N HIS D 126 -35.73 -23.82 -14.13
CA HIS D 126 -36.61 -23.83 -15.26
C HIS D 126 -37.74 -22.80 -15.14
N ASP D 127 -37.98 -22.05 -16.23
CA ASP D 127 -39.02 -21.03 -16.24
C ASP D 127 -38.79 -19.94 -15.18
N PHE D 128 -37.53 -19.64 -14.85
CA PHE D 128 -37.23 -18.59 -13.89
C PHE D 128 -37.69 -17.26 -14.46
N HIS D 129 -37.43 -17.06 -15.76
CA HIS D 129 -37.97 -15.95 -16.55
C HIS D 129 -39.44 -15.66 -16.22
N GLU D 130 -40.28 -16.70 -16.20
CA GLU D 130 -41.75 -16.57 -15.99
C GLU D 130 -42.08 -16.23 -14.53
N LEU D 131 -41.36 -16.85 -13.59
CA LEU D 131 -41.51 -16.53 -12.18
C LEU D 131 -41.18 -15.05 -11.87
N LEU D 132 -40.18 -14.50 -12.55
CA LEU D 132 -39.83 -13.08 -12.41
C LEU D 132 -40.88 -12.22 -13.10
N GLY D 133 -41.19 -12.58 -14.35
CA GLY D 133 -42.26 -11.97 -15.13
C GLY D 133 -43.56 -11.73 -14.38
N SER D 134 -44.03 -12.75 -13.66
CA SER D 134 -45.30 -12.64 -12.96
C SER D 134 -45.20 -11.67 -11.76
N ALA D 135 -44.05 -11.62 -11.10
CA ALA D 135 -43.86 -10.64 -10.01
C ALA D 135 -43.78 -9.20 -10.54
N SER D 136 -43.05 -8.99 -11.63
CA SER D 136 -42.84 -7.63 -12.13
C SER D 136 -44.09 -7.03 -12.79
N GLN D 137 -44.87 -7.86 -13.50
CA GLN D 137 -46.17 -7.47 -14.05
C GLN D 137 -47.19 -6.95 -13.04
N ARG D 138 -47.11 -7.40 -11.77
CA ARG D 138 -48.00 -6.95 -10.69
C ARG D 138 -47.62 -5.54 -10.29
N GLN D 139 -48.40 -4.53 -10.71
CA GLN D 139 -48.01 -3.12 -10.58
C GLN D 139 -48.44 -2.42 -9.27
N THR D 140 -49.05 -3.17 -8.36
CA THR D 140 -49.37 -2.66 -7.04
C THR D 140 -48.88 -3.66 -6.01
N GLY D 141 -48.63 -3.17 -4.80
CA GLY D 141 -48.10 -3.98 -3.72
C GLY D 141 -46.66 -4.31 -3.97
N ALA D 142 -46.21 -5.35 -3.26
CA ALA D 142 -44.86 -5.89 -3.35
C ALA D 142 -44.91 -7.38 -3.53
N SER D 143 -43.85 -7.92 -4.14
CA SER D 143 -43.74 -9.37 -4.39
C SER D 143 -42.41 -9.90 -3.94
N VAL D 144 -42.48 -10.98 -3.15
CA VAL D 144 -41.34 -11.70 -2.64
C VAL D 144 -41.55 -13.22 -2.81
N PHE D 145 -40.45 -13.96 -2.67
CA PHE D 145 -40.44 -15.40 -2.84
C PHE D 145 -39.99 -16.08 -1.55
N ALA D 146 -40.66 -17.19 -1.25
CA ALA D 146 -40.41 -17.98 -0.06
C ALA D 146 -39.81 -19.27 -0.56
N TYR D 147 -38.68 -19.68 -0.01
CA TYR D 147 -37.96 -20.88 -0.47
C TYR D 147 -37.68 -21.71 0.75
N HIS D 148 -38.03 -23.01 0.68
CA HIS D 148 -37.79 -23.92 1.79
C HIS D 148 -36.28 -24.08 2.02
N VAL D 149 -35.83 -23.91 3.27
CA VAL D 149 -34.40 -24.03 3.63
C VAL D 149 -34.17 -24.84 4.91
N LEU D 150 -32.94 -25.30 5.08
CA LEU D 150 -32.53 -26.05 6.29
C LEU D 150 -32.38 -25.18 7.54
N ASP D 151 -31.87 -23.95 7.38
CA ASP D 151 -31.53 -23.07 8.50
C ASP D 151 -32.29 -21.74 8.44
N PRO D 152 -33.62 -21.78 8.59
CA PRO D 152 -34.41 -20.55 8.42
C PRO D 152 -34.06 -19.39 9.35
N GLU D 153 -33.48 -19.68 10.52
CA GLU D 153 -32.97 -18.69 11.51
C GLU D 153 -31.98 -17.66 10.97
N ARG D 154 -31.33 -17.95 9.86
CA ARG D 154 -30.42 -17.01 9.24
C ARG D 154 -31.12 -15.99 8.36
N TYR D 155 -32.44 -16.11 8.20
CA TYR D 155 -33.20 -15.31 7.23
C TYR D 155 -34.49 -14.71 7.79
N GLY D 156 -35.09 -13.86 6.97
CA GLY D 156 -36.50 -13.47 7.12
C GLY D 156 -37.38 -14.68 6.85
N VAL D 157 -38.24 -15.00 7.81
CA VAL D 157 -39.04 -16.22 7.79
C VAL D 157 -40.50 -15.86 7.60
N VAL D 158 -41.19 -16.65 6.78
CA VAL D 158 -42.58 -16.44 6.46
C VAL D 158 -43.38 -17.52 7.12
N GLU D 159 -44.45 -17.14 7.82
CA GLU D 159 -45.39 -18.11 8.43
C GLU D 159 -46.64 -18.15 7.58
N PHE D 160 -47.09 -19.34 7.23
CA PHE D 160 -48.34 -19.51 6.47
C PHE D 160 -49.42 -20.10 7.37
N ASP D 161 -50.68 -19.73 7.11
CA ASP D 161 -51.82 -20.38 7.80
C ASP D 161 -52.15 -21.64 7.03
N GLN D 162 -53.13 -22.41 7.51
CA GLN D 162 -53.48 -23.67 6.88
C GLN D 162 -53.93 -23.57 5.44
N GLY D 163 -54.44 -22.40 5.04
CA GLY D 163 -54.81 -22.16 3.65
C GLY D 163 -53.72 -21.58 2.77
N GLY D 164 -52.48 -21.52 3.26
CA GLY D 164 -51.37 -21.00 2.46
C GLY D 164 -51.20 -19.48 2.39
N LYS D 165 -51.95 -18.70 3.20
CA LYS D 165 -51.74 -17.24 3.27
C LYS D 165 -50.59 -16.89 4.21
N ALA D 166 -49.74 -15.95 3.80
CA ALA D 166 -48.69 -15.41 4.67
C ALA D 166 -49.34 -14.62 5.80
N ILE D 167 -48.98 -14.94 7.04
CA ILE D 167 -49.55 -14.31 8.23
C ILE D 167 -48.54 -13.66 9.20
N SER D 168 -47.23 -13.88 9.02
CA SER D 168 -46.19 -13.16 9.78
C SER D 168 -44.83 -13.25 9.08
N LEU D 169 -44.00 -12.25 9.34
CA LEU D 169 -42.61 -12.23 8.90
C LEU D 169 -41.75 -11.90 10.09
N GLU D 170 -40.67 -12.64 10.27
CA GLU D 170 -39.73 -12.37 11.35
C GLU D 170 -38.31 -12.43 10.83
N GLU D 171 -37.51 -11.43 11.22
CA GLU D 171 -36.12 -11.35 10.83
C GLU D 171 -35.30 -12.20 11.79
N LYS D 172 -34.68 -13.26 11.27
CA LYS D 172 -33.76 -14.11 12.03
C LYS D 172 -34.31 -14.50 13.41
N PRO D 173 -35.47 -15.19 13.44
CA PRO D 173 -36.07 -15.58 14.71
C PRO D 173 -35.28 -16.72 15.34
N LEU D 174 -35.07 -16.65 16.65
CA LEU D 174 -34.48 -17.77 17.39
C LEU D 174 -35.37 -19.02 17.37
N GLU D 175 -36.69 -18.84 17.27
CA GLU D 175 -37.62 -19.95 17.06
C GLU D 175 -38.47 -19.72 15.81
N PRO D 176 -37.93 -20.09 14.64
CA PRO D 176 -38.66 -19.84 13.37
C PRO D 176 -39.99 -20.53 13.29
N LYS D 177 -40.98 -19.86 12.71
CA LYS D 177 -42.33 -20.42 12.59
C LYS D 177 -42.49 -21.33 11.37
N SER D 178 -41.52 -21.33 10.47
CA SER D 178 -41.53 -22.24 9.33
C SER D 178 -40.11 -22.40 8.82
N ASN D 179 -39.95 -23.22 7.79
CA ASN D 179 -38.68 -23.37 7.08
C ASN D 179 -38.67 -22.56 5.77
N TYR D 180 -39.61 -21.65 5.61
CA TYR D 180 -39.66 -20.80 4.42
C TYR D 180 -38.94 -19.47 4.66
N ALA D 181 -37.79 -19.32 3.98
CA ALA D 181 -36.97 -18.11 3.99
C ALA D 181 -37.38 -17.24 2.84
N VAL D 182 -37.37 -15.91 3.06
CA VAL D 182 -37.71 -14.94 2.01
C VAL D 182 -36.42 -14.76 1.24
N THR D 183 -36.41 -14.97 -0.07
CA THR D 183 -35.15 -14.85 -0.84
C THR D 183 -34.70 -13.40 -1.03
N GLY D 184 -33.48 -13.18 -1.48
CA GLY D 184 -32.96 -11.80 -1.64
C GLY D 184 -33.32 -11.21 -2.98
N LEU D 185 -34.61 -11.20 -3.27
CA LEU D 185 -35.16 -10.68 -4.51
C LEU D 185 -36.56 -10.13 -4.19
N TYR D 186 -36.74 -8.83 -4.39
CA TYR D 186 -37.93 -8.11 -3.92
C TYR D 186 -38.41 -7.17 -5.01
N PHE D 187 -39.72 -7.12 -5.24
CA PHE D 187 -40.37 -6.23 -6.21
C PHE D 187 -41.29 -5.29 -5.45
N TYR D 188 -41.28 -4.02 -5.84
CA TYR D 188 -41.94 -2.97 -5.07
C TYR D 188 -42.65 -2.00 -5.99
N ASP D 189 -43.76 -1.45 -5.49
CA ASP D 189 -44.48 -0.34 -6.14
C ASP D 189 -43.96 1.02 -5.64
N GLN D 190 -44.72 2.10 -5.88
CA GLN D 190 -44.30 3.47 -5.58
C GLN D 190 -44.38 3.84 -4.09
N GLN D 191 -44.83 2.92 -3.24
CA GLN D 191 -44.90 3.17 -1.81
C GLN D 191 -43.59 2.95 -1.04
N VAL D 192 -42.66 2.18 -1.60
CA VAL D 192 -41.54 1.63 -0.81
C VAL D 192 -40.64 2.71 -0.21
N VAL D 193 -40.40 3.78 -0.96
CA VAL D 193 -39.57 4.90 -0.44
C VAL D 193 -40.16 5.52 0.85
N ASP D 194 -41.45 5.83 0.82
CA ASP D 194 -42.10 6.42 1.99
C ASP D 194 -42.23 5.44 3.15
N ILE D 195 -42.42 4.15 2.84
CA ILE D 195 -42.35 3.14 3.89
C ILE D 195 -40.95 3.11 4.53
N ALA D 196 -39.90 3.10 3.72
CA ALA D 196 -38.51 3.07 4.25
C ALA D 196 -38.16 4.32 5.07
N ARG D 197 -38.55 5.49 4.57
CA ARG D 197 -38.37 6.77 5.29
C ARG D 197 -39.02 6.82 6.69
N ASP D 198 -40.18 6.18 6.87
CA ASP D 198 -40.85 6.13 8.19
C ASP D 198 -40.38 4.97 9.11
N LEU D 199 -39.27 4.31 8.76
CA LEU D 199 -38.78 3.19 9.57
C LEU D 199 -37.91 3.67 10.72
N LYS D 200 -38.18 3.15 11.92
CA LYS D 200 -37.23 3.20 13.02
C LYS D 200 -36.24 2.05 12.88
N PRO D 201 -34.94 2.29 13.20
CA PRO D 201 -34.02 1.15 13.27
C PRO D 201 -34.43 0.09 14.31
N SER D 202 -34.09 -1.17 14.00
CA SER D 202 -34.38 -2.29 14.88
C SER D 202 -33.48 -2.25 16.14
N PRO D 203 -33.75 -3.12 17.15
CA PRO D 203 -32.80 -3.39 18.25
C PRO D 203 -31.35 -3.64 17.79
N ARG D 204 -31.19 -4.35 16.67
CA ARG D 204 -29.88 -4.65 16.07
C ARG D 204 -29.13 -3.45 15.45
N GLY D 205 -29.83 -2.34 15.22
CA GLY D 205 -29.23 -1.11 14.68
C GLY D 205 -29.32 -1.00 13.15
N GLU D 206 -30.31 -1.68 12.57
CA GLU D 206 -30.44 -1.79 11.12
C GLU D 206 -31.82 -1.35 10.63
N LEU D 207 -31.85 -0.73 9.44
CA LEU D 207 -33.10 -0.55 8.70
C LEU D 207 -33.35 -1.87 7.95
N GLU D 208 -34.31 -2.64 8.44
CA GLU D 208 -34.53 -4.02 8.01
C GLU D 208 -35.42 -4.09 6.75
N ILE D 209 -35.07 -4.95 5.80
CA ILE D 209 -35.93 -5.23 4.62
C ILE D 209 -37.21 -6.00 5.02
N THR D 210 -37.13 -6.83 6.05
CA THR D 210 -38.31 -7.52 6.59
C THR D 210 -39.33 -6.51 7.17
N ASP D 211 -38.83 -5.41 7.73
CA ASP D 211 -39.69 -4.36 8.24
C ASP D 211 -40.45 -3.65 7.13
N VAL D 212 -39.81 -3.46 5.98
CA VAL D 212 -40.51 -2.93 4.79
C VAL D 212 -41.57 -3.96 4.33
N ASN D 213 -41.19 -5.23 4.26
CA ASN D 213 -42.10 -6.28 3.81
C ASN D 213 -43.30 -6.52 4.76
N ARG D 214 -43.08 -6.46 6.07
CA ARG D 214 -44.20 -6.51 7.01
C ARG D 214 -45.18 -5.34 6.82
N ALA D 215 -44.65 -4.14 6.54
CA ALA D 215 -45.50 -2.97 6.28
C ALA D 215 -46.45 -3.21 5.11
N TYR D 216 -45.93 -3.74 3.99
CA TYR D 216 -46.79 -4.24 2.90
C TYR D 216 -47.77 -5.34 3.38
N LEU D 217 -47.29 -6.33 4.13
CA LEU D 217 -48.16 -7.43 4.64
C LEU D 217 -49.32 -6.89 5.46
N GLU D 218 -49.02 -5.99 6.40
CA GLU D 218 -50.04 -5.32 7.24
C GLU D 218 -51.11 -4.59 6.41
N ARG D 219 -50.74 -4.05 5.26
CA ARG D 219 -51.68 -3.49 4.31
C ARG D 219 -52.40 -4.52 3.44
N GLY D 220 -52.13 -5.81 3.66
CA GLY D 220 -52.59 -6.84 2.74
C GLY D 220 -52.13 -6.62 1.31
N GLN D 221 -50.91 -6.08 1.11
CA GLN D 221 -50.37 -5.85 -0.26
C GLN D 221 -49.04 -6.57 -0.53
N LEU D 222 -48.76 -7.62 0.23
CA LEU D 222 -47.57 -8.46 0.03
C LEU D 222 -47.98 -9.77 -0.64
N SER D 223 -47.53 -9.96 -1.87
CA SER D 223 -47.61 -11.28 -2.49
C SER D 223 -46.37 -12.08 -2.08
N VAL D 224 -46.58 -13.28 -1.53
CA VAL D 224 -45.51 -14.20 -1.22
C VAL D 224 -45.72 -15.40 -2.13
N GLU D 225 -44.89 -15.56 -3.17
CA GLU D 225 -44.98 -16.74 -4.01
C GLU D 225 -43.92 -17.73 -3.60
N ILE D 226 -44.25 -19.02 -3.76
CA ILE D 226 -43.30 -20.08 -3.45
C ILE D 226 -42.29 -20.16 -4.58
N MET D 227 -41.00 -20.11 -4.25
CA MET D 227 -39.97 -20.50 -5.20
C MET D 227 -39.78 -21.96 -4.95
N GLY D 228 -40.16 -22.80 -5.92
CA GLY D 228 -40.19 -24.25 -5.68
C GLY D 228 -38.83 -24.91 -5.45
N ARG D 229 -38.86 -26.14 -4.96
CA ARG D 229 -37.66 -26.96 -4.70
C ARG D 229 -36.87 -27.36 -5.95
N GLY D 230 -37.48 -27.26 -7.10
CA GLY D 230 -36.79 -27.39 -8.36
C GLY D 230 -35.96 -26.22 -8.80
N TYR D 231 -36.04 -25.09 -8.07
CA TYR D 231 -35.14 -23.96 -8.28
C TYR D 231 -34.00 -24.07 -7.29
N ALA D 232 -32.81 -23.63 -7.71
CA ALA D 232 -31.66 -23.44 -6.84
C ALA D 232 -31.56 -21.97 -6.46
N TRP D 233 -31.63 -21.70 -5.16
CA TRP D 233 -31.29 -20.40 -4.61
C TRP D 233 -30.07 -20.62 -3.71
N LEU D 234 -28.91 -20.17 -4.17
CA LEU D 234 -27.67 -20.37 -3.45
C LEU D 234 -27.20 -19.06 -2.83
N ASP D 235 -26.57 -19.22 -1.68
CA ASP D 235 -26.03 -18.10 -0.93
C ASP D 235 -24.49 -18.11 -1.02
N THR D 236 -23.92 -16.92 -1.13
CA THR D 236 -22.47 -16.72 -1.18
C THR D 236 -22.00 -15.88 0.02
N GLY D 237 -22.50 -16.20 1.21
CA GLY D 237 -22.12 -15.46 2.42
C GLY D 237 -20.72 -15.79 2.90
N THR D 238 -20.36 -17.08 2.85
CA THR D 238 -19.15 -17.63 3.49
C THR D 238 -18.20 -18.24 2.47
N HIS D 239 -16.98 -18.57 2.89
CA HIS D 239 -16.04 -19.22 1.97
C HIS D 239 -16.55 -20.60 1.52
N ASP D 240 -17.17 -21.33 2.45
CA ASP D 240 -17.71 -22.68 2.13
C ASP D 240 -18.88 -22.63 1.15
N SER D 241 -19.79 -21.67 1.30
CA SER D 241 -20.94 -21.53 0.38
C SER D 241 -20.49 -21.03 -1.02
N LEU D 242 -19.56 -20.08 -1.04
CA LEU D 242 -18.97 -19.56 -2.29
C LEU D 242 -18.32 -20.66 -3.13
N LEU D 243 -17.63 -21.54 -2.46
CA LEU D 243 -17.12 -22.76 -3.04
C LEU D 243 -18.17 -23.74 -3.58
N GLU D 244 -19.17 -24.06 -2.75
CA GLU D 244 -20.33 -24.88 -3.17
C GLU D 244 -20.99 -24.32 -4.42
N ALA D 245 -21.18 -23.01 -4.43
CA ALA D 245 -21.82 -22.33 -5.55
C ALA D 245 -21.00 -22.46 -6.83
N GLY D 246 -19.68 -22.28 -6.73
CA GLY D 246 -18.76 -22.51 -7.86
C GLY D 246 -18.85 -23.90 -8.46
N GLN D 247 -18.87 -24.92 -7.60
CA GLN D 247 -18.95 -26.31 -8.04
CA GLN D 247 -18.96 -26.32 -8.05
C GLN D 247 -20.30 -26.62 -8.69
N PHE D 248 -21.35 -25.99 -8.18
CA PHE D 248 -22.71 -26.15 -8.67
C PHE D 248 -22.86 -25.61 -10.09
N ILE D 249 -22.35 -24.40 -10.31
CA ILE D 249 -22.37 -23.73 -11.60
C ILE D 249 -21.44 -24.46 -12.59
N ALA D 250 -20.25 -24.84 -12.15
CA ALA D 250 -19.31 -25.53 -13.04
C ALA D 250 -19.86 -26.88 -13.51
N THR D 251 -20.40 -27.68 -12.59
CA THR D 251 -21.12 -28.89 -12.94
C THR D 251 -22.22 -28.69 -14.00
N LEU D 252 -23.02 -27.62 -13.87
CA LEU D 252 -24.07 -27.34 -14.83
C LEU D 252 -23.49 -26.89 -16.17
N GLU D 253 -22.54 -25.98 -16.13
CA GLU D 253 -21.94 -25.42 -17.36
C GLU D 253 -21.17 -26.45 -18.18
N ASN D 254 -20.34 -27.26 -17.52
CA ASN D 254 -19.55 -28.32 -18.22
C ASN D 254 -20.41 -29.45 -18.79
N ARG D 255 -21.52 -29.75 -18.12
CA ARG D 255 -22.52 -30.68 -18.66
C ARG D 255 -23.22 -30.12 -19.93
N GLN D 256 -23.68 -28.88 -19.84
CA GLN D 256 -24.52 -28.32 -20.87
C GLN D 256 -23.79 -27.72 -22.05
N GLY D 257 -22.55 -27.27 -21.83
CA GLY D 257 -21.87 -26.41 -22.78
C GLY D 257 -22.63 -25.10 -22.96
N LEU D 258 -23.39 -24.73 -21.91
CA LEU D 258 -24.13 -23.46 -21.81
C LEU D 258 -23.77 -22.78 -20.49
N LYS D 259 -23.90 -21.46 -20.46
CA LYS D 259 -23.57 -20.70 -19.28
C LYS D 259 -24.81 -20.34 -18.47
N VAL D 260 -24.65 -20.28 -17.15
CA VAL D 260 -25.59 -19.65 -16.25
C VAL D 260 -25.14 -18.18 -16.00
N ALA D 261 -26.07 -17.26 -16.10
CA ALA D 261 -25.87 -15.83 -15.77
C ALA D 261 -24.71 -15.14 -16.53
N CYS D 262 -24.70 -15.33 -17.84
CA CYS D 262 -23.76 -14.68 -18.74
C CYS D 262 -24.50 -13.45 -19.25
N PRO D 263 -24.18 -12.25 -18.70
CA PRO D 263 -24.96 -11.06 -19.06
C PRO D 263 -25.06 -10.76 -20.56
N GLU D 264 -23.98 -10.99 -21.30
CA GLU D 264 -23.94 -10.73 -22.74
C GLU D 264 -24.99 -11.57 -23.51
N GLU D 265 -25.08 -12.85 -23.16
CA GLU D 265 -26.12 -13.73 -23.66
C GLU D 265 -27.52 -13.21 -23.30
N ILE D 266 -27.73 -12.77 -22.07
CA ILE D 266 -29.08 -12.37 -21.68
C ILE D 266 -29.51 -11.08 -22.38
N ALA D 267 -28.58 -10.14 -22.52
CA ALA D 267 -28.85 -8.92 -23.27
C ALA D 267 -29.17 -9.27 -24.74
N TYR D 268 -28.39 -10.18 -25.32
CA TYR D 268 -28.59 -10.61 -26.71
C TYR D 268 -29.96 -11.27 -26.89
N ARG D 269 -30.30 -12.18 -25.98
CA ARG D 269 -31.63 -12.83 -26.00
C ARG D 269 -32.79 -11.87 -25.70
N GLN D 270 -32.58 -10.82 -24.91
CA GLN D 270 -33.62 -9.78 -24.72
C GLN D 270 -33.73 -8.79 -25.90
N LYS D 271 -32.80 -8.90 -26.87
CA LYS D 271 -32.68 -8.02 -28.04
C LYS D 271 -32.24 -6.60 -27.68
N TRP D 272 -31.58 -6.46 -26.53
CA TRP D 272 -31.00 -5.19 -26.11
C TRP D 272 -29.70 -4.91 -26.84
N ILE D 273 -28.97 -5.94 -27.25
CA ILE D 273 -27.84 -5.81 -28.16
C ILE D 273 -28.08 -6.75 -29.34
N ASP D 274 -27.54 -6.41 -30.51
CA ASP D 274 -27.74 -7.21 -31.71
C ASP D 274 -26.48 -8.06 -31.98
N ALA D 275 -26.51 -8.82 -33.07
CA ALA D 275 -25.40 -9.72 -33.42
C ALA D 275 -24.07 -9.02 -33.72
N ALA D 276 -24.12 -7.81 -34.26
CA ALA D 276 -22.89 -7.06 -34.53
C ALA D 276 -22.20 -6.68 -33.22
N GLN D 277 -23.00 -6.24 -32.24
CA GLN D 277 -22.47 -5.80 -30.94
C GLN D 277 -22.02 -6.98 -30.08
N LEU D 278 -22.79 -8.06 -30.04
CA LEU D 278 -22.33 -9.31 -29.41
C LEU D 278 -20.99 -9.77 -29.98
N GLU D 279 -20.84 -9.69 -31.30
CA GLU D 279 -19.57 -10.06 -31.94
C GLU D 279 -18.41 -9.18 -31.49
N LYS D 280 -18.63 -7.88 -31.35
CA LYS D 280 -17.65 -6.94 -30.80
C LYS D 280 -17.24 -7.24 -29.36
N LEU D 281 -18.20 -7.66 -28.53
CA LEU D 281 -17.92 -8.12 -27.17
C LEU D 281 -17.13 -9.41 -27.12
N ALA D 282 -17.36 -10.30 -28.09
CA ALA D 282 -16.60 -11.56 -28.19
C ALA D 282 -15.12 -11.38 -28.53
N ALA D 283 -14.79 -10.39 -29.35
CA ALA D 283 -13.42 -10.17 -29.86
C ALA D 283 -12.30 -10.07 -28.80
N PRO D 284 -12.38 -9.12 -27.86
CA PRO D 284 -11.32 -9.13 -26.82
C PRO D 284 -11.26 -10.40 -25.93
N LEU D 285 -12.30 -11.23 -25.92
CA LEU D 285 -12.31 -12.49 -25.15
C LEU D 285 -12.12 -13.72 -26.03
N ALA D 286 -11.78 -13.52 -27.30
CA ALA D 286 -11.72 -14.59 -28.31
C ALA D 286 -10.82 -15.74 -27.91
N LYS D 287 -9.69 -15.44 -27.28
CA LYS D 287 -8.67 -16.46 -26.96
C LYS D 287 -8.95 -17.31 -25.71
N ASN D 288 -10.06 -17.08 -25.03
CA ASN D 288 -10.54 -17.99 -24.00
C ASN D 288 -11.92 -18.50 -24.35
N GLY D 289 -12.40 -19.43 -23.52
CA GLY D 289 -13.67 -20.08 -23.71
C GLY D 289 -14.86 -19.14 -23.63
N TYR D 290 -14.76 -18.08 -22.84
CA TYR D 290 -15.91 -17.17 -22.64
C TYR D 290 -16.25 -16.42 -23.92
N GLY D 291 -15.24 -15.88 -24.61
CA GLY D 291 -15.44 -15.29 -25.93
C GLY D 291 -15.82 -16.28 -27.02
N GLN D 292 -15.24 -17.46 -26.99
CA GLN D 292 -15.61 -18.54 -27.90
C GLN D 292 -17.10 -18.87 -27.76
N TYR D 293 -17.58 -18.92 -26.52
CA TYR D 293 -19.01 -19.13 -26.24
C TYR D 293 -19.87 -18.00 -26.82
N LEU D 294 -19.46 -16.75 -26.63
CA LEU D 294 -20.20 -15.60 -27.20
C LEU D 294 -20.26 -15.65 -28.73
N LYS D 295 -19.12 -15.95 -29.35
CA LYS D 295 -19.05 -16.17 -30.77
C LYS D 295 -20.00 -17.31 -31.19
N ARG D 296 -19.94 -18.44 -30.49
CA ARG D 296 -20.82 -19.57 -30.78
C ARG D 296 -22.29 -19.21 -30.71
N LEU D 297 -22.67 -18.30 -29.83
CA LEU D 297 -24.08 -17.91 -29.70
C LEU D 297 -24.65 -17.13 -30.90
N LEU D 298 -23.80 -16.69 -31.83
CA LEU D 298 -24.23 -16.00 -33.06
C LEU D 298 -24.78 -16.95 -34.10
N THR D 299 -24.21 -18.15 -34.18
CA THR D 299 -24.63 -19.14 -35.16
C THR D 299 -25.50 -20.26 -34.62
N GLU D 300 -25.49 -20.52 -33.32
CA GLU D 300 -26.23 -21.68 -32.77
C GLU D 300 -27.64 -21.35 -32.29
N THR D 301 -28.60 -22.21 -32.62
CA THR D 301 -29.95 -22.10 -32.08
C THR D 301 -30.01 -22.83 -30.74
N VAL D 302 -30.29 -22.09 -29.67
CA VAL D 302 -30.42 -22.69 -28.32
C VAL D 302 -31.83 -22.45 -27.83
N TYR D 303 -32.57 -23.53 -27.59
CA TYR D 303 -33.97 -23.46 -27.24
C TYR D 303 -34.13 -23.15 -25.75
CBB DH5 E . -15.01 26.56 4.51
CAY DH5 E . -14.01 25.79 5.10
CAV DH5 E . -13.04 26.38 5.94
CAZ DH5 E . -13.97 24.42 4.87
BR1 DH5 E . -15.22 23.48 3.77
CBA DH5 E . -12.98 23.67 5.45
CAX DH5 E . -12.04 24.25 6.27
CAW DH5 E . -12.03 25.62 6.55
CAT DH5 E . -11.08 26.22 7.44
NAO DH5 E . -9.66 25.90 7.12
CAP DH5 E . -8.90 26.76 6.39
NAU DH5 E . -9.42 27.90 5.92
CAN DH5 E . -9.12 24.74 7.64
OAM DH5 E . -9.78 23.96 8.32
NAF DH5 E . -7.79 24.43 7.37
CAG DH5 E . -7.01 25.25 6.61
OAA DH5 E . -5.86 24.90 6.40
CAH DH5 E . -7.55 26.45 6.10
NAI DH5 E . -6.73 27.28 5.38
CAB DH5 E . -5.75 28.07 6.14
SAJ DH5 E . -6.67 27.29 3.66
OAQ DH5 E . -8.05 27.54 3.11
OAC DH5 E . -5.69 28.31 3.12
CAK DH5 E . -6.07 25.67 3.16
CAR DH5 E . -6.89 24.57 3.23
CAS DH5 E . -6.42 23.32 2.80
CAL DH5 E . -5.11 23.21 2.35
CAE DH5 E . -4.30 24.32 2.32
CAD DH5 E . -4.77 25.55 2.70
O1 MES F . -7.49 39.08 -14.20
C2 MES F . -8.75 38.42 -14.45
C3 MES F . -8.71 37.22 -15.39
N4 MES F . -7.74 37.47 -16.48
C5 MES F . -6.39 37.60 -15.84
C6 MES F . -6.36 38.90 -15.07
C7 MES F . -7.78 36.48 -17.63
C8 MES F . -8.29 35.05 -17.42
S MES F . -8.90 34.39 -18.83
O1S MES F . -7.85 34.42 -19.89
O2S MES F . -10.06 35.18 -19.29
O3S MES F . -9.31 33.00 -18.52
CL CL G . -9.79 33.02 6.08
CBB DH5 H . 40.63 17.39 11.62
CAY DH5 H . 39.64 17.15 10.64
CAV DH5 H . 38.91 18.24 10.17
CAZ DH5 H . 39.37 15.87 10.13
BR1 DH5 H . 40.27 14.30 10.67
CBA DH5 H . 38.40 15.69 9.18
CAX DH5 H . 37.69 16.78 8.71
CAW DH5 H . 37.91 18.07 9.20
CAT DH5 H . 37.22 19.18 8.70
NAO DH5 H . 35.75 19.14 8.87
CAP DH5 H . 35.13 19.70 9.96
NAU DH5 H . 35.81 20.29 10.97
CAN DH5 H . 35.01 18.55 7.88
OAM DH5 H . 35.53 18.06 6.88
NAF DH5 H . 33.64 18.48 7.96
CAG DH5 H . 32.98 19.03 9.05
OAA DH5 H . 31.77 18.93 9.05
CAH DH5 H . 33.74 19.65 10.07
NAI DH5 H . 33.08 20.22 11.14
CAB DH5 H . 32.33 21.48 10.92
SAJ DH5 H . 32.99 19.43 12.62
OAQ DH5 H . 34.37 18.91 13.00
OAC DH5 H . 32.40 20.31 13.74
CAK DH5 H . 31.96 18.03 12.45
CAR DH5 H . 32.47 16.87 11.87
CAS DH5 H . 31.66 15.75 11.73
CAL DH5 H . 30.33 15.79 12.19
CAE DH5 H . 29.81 16.95 12.78
CAD DH5 H . 30.63 18.07 12.91
O1 MES I . 35.30 21.47 34.99
C2 MES I . 36.52 20.88 35.49
C3 MES I . 36.65 19.43 35.03
N4 MES I . 35.45 18.68 35.49
C5 MES I . 34.26 19.26 34.85
C6 MES I . 34.10 20.72 35.27
C7 MES I . 35.60 17.24 35.20
C8 MES I . 34.48 16.39 35.84
S MES I . 35.02 14.97 36.53
O1S MES I . 33.91 14.29 37.23
O2S MES I . 36.05 15.29 37.57
O3S MES I . 35.59 14.07 35.49
CL CL J . 37.50 24.61 13.10
CBB DH5 K . 8.78 -26.32 10.91
CAY DH5 K . 7.70 -25.48 10.65
CAV DH5 K . 6.39 -26.00 10.66
CAZ DH5 K . 7.92 -24.10 10.41
BR1 DH5 K . 9.66 -23.26 10.39
CBA DH5 K . 6.85 -23.29 10.16
CAX DH5 K . 5.56 -23.83 10.18
CAW DH5 K . 5.29 -25.18 10.42
CAT DH5 K . 3.98 -25.67 10.45
NAO DH5 K . 3.18 -25.37 9.23
CAP DH5 K . 3.10 -26.27 8.21
NAU DH5 K . 3.75 -27.44 8.26
CAN DH5 K . 2.49 -24.20 9.15
OAM DH5 K . 2.51 -23.37 10.04
NAF DH5 K . 1.72 -23.89 8.02
CAG DH5 K . 1.64 -24.76 6.97
OAA DH5 K . 0.98 -24.44 5.99
CAH DH5 K . 2.34 -25.98 7.04
NAI DH5 K . 2.20 -26.85 6.02
CAB DH5 K . 0.98 -27.69 6.02
SAJ DH5 K . 3.28 -26.91 4.72
OAQ DH5 K . 4.69 -27.14 5.30
OAC DH5 K . 2.98 -28.04 3.73
CAK DH5 K . 3.20 -25.41 3.91
CAR DH5 K . 3.85 -24.28 4.44
CAS DH5 K . 3.79 -23.08 3.75
CAL DH5 K . 3.09 -22.98 2.56
CAE DH5 K . 2.43 -24.09 2.04
CAD DH5 K . 2.49 -25.31 2.72
O1 MES L . 15.70 -39.94 -7.93
C2 MES L . 15.79 -39.31 -9.20
C3 MES L . 16.45 -37.92 -9.19
N4 MES L . 17.55 -37.68 -8.21
C5 MES L . 17.73 -38.83 -7.28
C6 MES L . 16.37 -39.30 -6.84
C7 MES L . 18.89 -37.31 -8.78
C8 MES L . 18.86 -36.29 -9.92
S MES L . 20.27 -35.39 -10.08
O1S MES L . 20.26 -34.26 -9.12
O2S MES L . 20.22 -34.89 -11.47
O3S MES L . 21.47 -36.21 -9.84
CL CL M . 3.85 -32.52 8.91
CBB DH5 N . -36.45 -16.86 -21.60
CAY DH5 N . -35.09 -16.50 -21.59
CAV DH5 N . -34.15 -17.54 -21.57
CAZ DH5 N . -34.66 -15.16 -21.61
BR1 DH5 N . -35.89 -13.67 -21.63
CBA DH5 N . -33.31 -14.88 -21.60
CAX DH5 N . -32.39 -15.93 -21.58
CAW DH5 N . -32.78 -17.29 -21.56
CAT DH5 N . -31.87 -18.37 -21.54
NAO DH5 N . -31.03 -18.42 -20.29
CAP DH5 N . -31.38 -19.13 -19.16
NAU DH5 N . -32.53 -19.85 -19.08
CAN DH5 N . -29.87 -17.73 -20.31
OAM DH5 N . -29.54 -17.12 -21.33
NAF DH5 N . -29.00 -17.70 -19.20
CAG DH5 N . -29.34 -18.40 -18.02
OAA DH5 N . -28.60 -18.37 -17.05
CAH DH5 N . -30.54 -19.11 -18.00
NAI DH5 N . -30.82 -19.78 -16.88
CAB DH5 N . -30.19 -21.10 -16.71
SAJ DH5 N . -31.78 -19.06 -15.65
OAQ DH5 N . -33.07 -18.52 -16.25
OAC DH5 N . -32.13 -20.02 -14.52
CAK DH5 N . -30.92 -17.68 -15.02
CAR DH5 N . -31.00 -16.47 -15.69
CAS DH5 N . -30.31 -15.36 -15.19
CAL DH5 N . -29.51 -15.48 -14.06
CAE DH5 N . -29.43 -16.71 -13.43
CAD DH5 N . -30.13 -17.81 -13.90
O1 MES O . -49.41 -21.49 -2.03
C2 MES O . -49.14 -20.45 -2.97
C3 MES O . -49.43 -19.06 -2.37
N4 MES O . -49.32 -19.01 -0.89
C5 MES O . -48.30 -19.97 -0.42
C6 MES O . -48.65 -21.41 -0.81
C7 MES O . -48.95 -17.64 -0.42
C8 MES O . -49.84 -16.54 -1.02
S MES O . -49.86 -15.13 -0.14
O1S MES O . -51.09 -15.13 0.68
O2S MES O . -49.86 -14.00 -1.08
O3S MES O . -48.71 -14.96 0.78
CL CL P . -35.45 -24.12 -18.70
#